data_5ZB6
#
_entry.id   5ZB6
#
_entity_poly.entity_id   1
_entity_poly.type   'polypeptide(L)'
_entity_poly.pdbx_seq_one_letter_code
;MRGSHHHHHHGSHVISSIASRGSMAEHQLGPIAGAIKSKVEAALSPTHFKLINDSHKHAGHYARDGSTASDAGETHFRLE
VTSDAFKGLTLVKRHQLIYGLLSDEFKAGLHALSMTTKTPAEQ
;
_entity_poly.pdbx_strand_id   A
#
# COMPACT_ATOMS: atom_id res chain seq x y z
N MET A 24 0.95 24.01 -6.53
CA MET A 24 2.03 23.60 -7.46
C MET A 24 3.26 23.20 -6.69
N ALA A 25 3.53 21.89 -6.67
CA ALA A 25 4.68 21.32 -5.98
C ALA A 25 4.69 19.81 -6.18
N GLU A 26 5.06 19.39 -7.38
CA GLU A 26 5.03 17.97 -7.73
C GLU A 26 6.17 17.20 -7.07
N HIS A 27 5.81 16.26 -6.22
CA HIS A 27 6.77 15.33 -5.66
C HIS A 27 6.59 13.98 -6.35
N GLN A 28 7.51 13.64 -7.23
CA GLN A 28 7.38 12.44 -8.06
C GLN A 28 8.08 11.26 -7.41
N LEU A 29 7.33 10.17 -7.24
CA LEU A 29 7.88 8.93 -6.71
C LEU A 29 7.91 7.88 -7.82
N GLY A 30 9.07 7.30 -8.04
CA GLY A 30 9.22 6.32 -9.10
C GLY A 30 8.82 4.92 -8.65
N PRO A 31 8.99 3.91 -9.53
CA PRO A 31 8.63 2.53 -9.23
C PRO A 31 9.55 1.89 -8.21
N ILE A 32 9.16 1.97 -6.94
CA ILE A 32 9.93 1.37 -5.85
C ILE A 32 9.73 -0.14 -5.82
N ALA A 33 8.49 -0.56 -6.00
CA ALA A 33 8.15 -1.98 -6.00
C ALA A 33 6.96 -2.22 -6.91
N GLY A 34 6.59 -3.48 -7.10
CA GLY A 34 5.46 -3.79 -7.96
C GLY A 34 4.16 -3.17 -7.46
N ALA A 35 3.96 -3.23 -6.15
CA ALA A 35 2.74 -2.74 -5.52
C ALA A 35 2.52 -1.24 -5.75
N ILE A 36 3.60 -0.48 -5.84
CA ILE A 36 3.51 0.97 -5.96
C ILE A 36 2.78 1.38 -7.25
N LYS A 37 2.84 0.51 -8.26
CA LYS A 37 2.25 0.80 -9.55
C LYS A 37 0.73 0.96 -9.43
N SER A 38 0.15 0.32 -8.42
CA SER A 38 -1.29 0.40 -8.18
C SER A 38 -1.71 1.82 -7.83
N LYS A 39 -0.98 2.46 -6.91
CA LYS A 39 -1.29 3.83 -6.51
C LYS A 39 -1.13 4.77 -7.70
N VAL A 40 -0.22 4.44 -8.60
CA VAL A 40 0.05 5.26 -9.78
C VAL A 40 -1.19 5.36 -10.67
N GLU A 41 -2.00 4.32 -10.67
CA GLU A 41 -3.27 4.33 -11.41
C GLU A 41 -4.18 5.42 -10.86
N ALA A 42 -4.23 5.51 -9.53
CA ALA A 42 -5.04 6.49 -8.83
C ALA A 42 -4.58 7.92 -9.09
N ALA A 43 -3.31 8.06 -9.50
CA ALA A 43 -2.70 9.37 -9.70
C ALA A 43 -3.41 10.19 -10.77
N LEU A 44 -4.14 9.52 -11.65
CA LEU A 44 -4.89 10.19 -12.71
C LEU A 44 -6.17 10.82 -12.16
N SER A 45 -6.47 10.52 -10.90
CA SER A 45 -7.65 11.06 -10.26
C SER A 45 -7.23 12.08 -9.18
N PRO A 46 -8.07 13.10 -8.93
CA PRO A 46 -7.81 14.08 -7.87
C PRO A 46 -7.91 13.45 -6.48
N THR A 47 -6.76 13.22 -5.86
CA THR A 47 -6.72 12.55 -4.57
C THR A 47 -5.32 12.64 -3.98
N HIS A 48 -5.13 12.02 -2.82
CA HIS A 48 -3.84 11.96 -2.16
C HIS A 48 -3.53 10.50 -1.82
N PHE A 49 -2.39 10.01 -2.29
CA PHE A 49 -2.05 8.61 -2.12
C PHE A 49 -0.72 8.43 -1.43
N LYS A 50 -0.75 7.77 -0.28
CA LYS A 50 0.44 7.44 0.46
C LYS A 50 0.67 5.94 0.41
N LEU A 51 1.76 5.54 -0.21
CA LEU A 51 2.13 4.14 -0.28
C LEU A 51 3.57 3.97 0.19
N ILE A 52 3.75 3.18 1.24
CA ILE A 52 5.08 2.85 1.71
C ILE A 52 5.26 1.33 1.71
N ASN A 53 6.29 0.89 1.00
CA ASN A 53 6.59 -0.53 0.91
C ASN A 53 8.02 -0.78 1.34
N ASP A 54 8.18 -1.43 2.48
CA ASP A 54 9.49 -1.73 3.00
C ASP A 54 9.94 -3.11 2.56
N SER A 55 9.10 -4.09 2.89
CA SER A 55 9.39 -5.50 2.60
C SER A 55 10.71 -5.95 3.21
N HIS A 56 11.14 -7.15 2.87
CA HIS A 56 12.37 -7.71 3.39
C HIS A 56 12.73 -8.96 2.60
N LYS A 57 13.81 -8.88 1.85
CA LYS A 57 14.24 -9.99 1.01
C LYS A 57 14.80 -11.11 1.88
N HIS A 58 14.70 -12.33 1.40
CA HIS A 58 15.20 -13.47 2.14
C HIS A 58 16.56 -13.86 1.57
N ALA A 59 17.54 -14.05 2.44
CA ALA A 59 18.88 -14.40 2.00
C ALA A 59 18.99 -15.89 1.70
N GLY A 60 19.19 -16.21 0.43
CA GLY A 60 19.30 -17.60 0.02
C GLY A 60 20.57 -18.26 0.52
N HIS A 61 21.50 -17.45 1.02
CA HIS A 61 22.74 -17.96 1.59
C HIS A 61 22.44 -18.72 2.88
N TYR A 62 21.52 -18.17 3.68
CA TYR A 62 21.04 -18.80 4.90
C TYR A 62 22.12 -18.89 5.98
N ALA A 63 22.08 -17.93 6.88
CA ALA A 63 22.79 -18.04 8.15
C ALA A 63 21.76 -18.07 9.27
N ARG A 64 21.14 -16.92 9.47
CA ARG A 64 19.91 -16.82 10.24
C ARG A 64 19.25 -15.51 9.87
N ASP A 65 18.90 -15.43 8.61
CA ASP A 65 18.41 -14.20 8.00
C ASP A 65 17.10 -14.43 7.27
N GLY A 66 17.04 -15.50 6.48
CA GLY A 66 15.80 -15.89 5.81
C GLY A 66 14.74 -16.33 6.80
N SER A 67 15.12 -16.48 8.06
CA SER A 67 14.20 -16.87 9.11
C SER A 67 13.39 -15.67 9.61
N THR A 68 13.51 -14.55 8.90
CA THR A 68 12.77 -13.33 9.23
C THR A 68 11.27 -13.61 9.19
N ALA A 69 10.61 -13.41 10.33
CA ALA A 69 9.18 -13.72 10.45
C ALA A 69 8.52 -12.91 11.56
N SER A 70 9.24 -11.97 12.14
CA SER A 70 8.70 -11.16 13.22
C SER A 70 7.81 -10.05 12.66
N ASP A 71 6.51 -10.29 12.66
CA ASP A 71 5.55 -9.31 12.21
C ASP A 71 4.33 -9.28 13.13
N ALA A 72 3.55 -10.37 13.08
CA ALA A 72 2.26 -10.46 13.77
C ALA A 72 1.26 -9.45 13.20
N GLY A 73 1.56 -8.17 13.39
CA GLY A 73 0.76 -7.10 12.83
C GLY A 73 1.58 -5.84 12.69
N GLU A 74 2.85 -6.02 12.35
CA GLU A 74 3.80 -4.92 12.32
C GLU A 74 3.69 -4.15 11.02
N THR A 75 3.50 -4.89 9.92
CA THR A 75 3.23 -4.34 8.59
C THR A 75 4.37 -3.51 8.02
N HIS A 76 4.91 -3.95 6.89
CA HIS A 76 5.95 -3.21 6.20
C HIS A 76 5.41 -2.60 4.91
N PHE A 77 4.09 -2.69 4.75
CA PHE A 77 3.40 -2.06 3.64
C PHE A 77 2.06 -1.53 4.11
N ARG A 78 1.73 -0.31 3.70
CA ARG A 78 0.42 0.24 3.96
C ARG A 78 0.02 1.20 2.86
N LEU A 79 -1.23 1.10 2.42
CA LEU A 79 -1.75 1.94 1.37
C LEU A 79 -2.84 2.85 1.95
N GLU A 80 -2.60 4.15 1.88
CA GLU A 80 -3.55 5.12 2.38
C GLU A 80 -3.88 6.13 1.29
N VAL A 81 -5.15 6.18 0.90
CA VAL A 81 -5.58 7.13 -0.12
C VAL A 81 -6.71 8.02 0.41
N THR A 82 -6.49 9.33 0.29
CA THR A 82 -7.32 10.34 0.88
C THR A 82 -7.94 11.23 -0.19
N SER A 83 -9.26 11.18 -0.31
CA SER A 83 -9.98 12.07 -1.20
C SER A 83 -10.95 12.91 -0.38
N ASP A 84 -10.66 14.22 -0.30
CA ASP A 84 -11.46 15.18 0.47
C ASP A 84 -11.20 15.04 1.98
N ALA A 85 -10.75 13.85 2.39
CA ALA A 85 -10.43 13.56 3.79
C ALA A 85 -11.69 13.53 4.64
N PHE A 86 -12.70 12.85 4.15
CA PHE A 86 -13.96 12.69 4.87
C PHE A 86 -14.60 11.37 4.49
N LYS A 87 -14.31 10.35 5.28
CA LYS A 87 -14.76 9.00 5.00
C LYS A 87 -16.28 8.89 5.00
N GLY A 88 -16.82 8.39 3.91
CA GLY A 88 -18.25 8.18 3.80
C GLY A 88 -18.58 6.87 3.14
N LEU A 89 -17.88 6.57 2.05
CA LEU A 89 -18.09 5.32 1.33
C LEU A 89 -17.27 4.20 1.96
N THR A 90 -17.65 2.96 1.67
CA THR A 90 -16.93 1.80 2.15
C THR A 90 -15.50 1.79 1.62
N LEU A 91 -14.54 1.63 2.52
CA LEU A 91 -13.13 1.70 2.15
C LEU A 91 -12.73 0.61 1.16
N VAL A 92 -13.47 -0.50 1.18
CA VAL A 92 -13.20 -1.61 0.27
C VAL A 92 -13.50 -1.23 -1.18
N LYS A 93 -14.36 -0.21 -1.35
CA LYS A 93 -14.79 0.22 -2.67
C LYS A 93 -13.59 0.74 -3.48
N ARG A 94 -12.79 1.61 -2.89
CA ARG A 94 -11.63 2.16 -3.57
C ARG A 94 -10.49 1.16 -3.66
N HIS A 95 -10.45 0.21 -2.74
CA HIS A 95 -9.36 -0.77 -2.69
C HIS A 95 -9.39 -1.70 -3.89
N GLN A 96 -10.60 -1.97 -4.39
CA GLN A 96 -10.78 -2.84 -5.55
C GLN A 96 -10.16 -2.20 -6.78
N LEU A 97 -10.19 -0.86 -6.83
CA LEU A 97 -9.71 -0.11 -7.98
C LEU A 97 -8.21 -0.32 -8.22
N ILE A 98 -7.47 -0.50 -7.14
CA ILE A 98 -6.01 -0.56 -7.23
C ILE A 98 -5.49 -2.00 -7.15
N TYR A 99 -6.25 -2.87 -6.46
CA TYR A 99 -5.90 -4.29 -6.26
C TYR A 99 -4.41 -4.49 -5.94
N GLY A 100 -3.83 -3.55 -5.19
CA GLY A 100 -2.41 -3.57 -4.95
C GLY A 100 -2.02 -4.15 -3.60
N LEU A 101 -3.02 -4.60 -2.85
CA LEU A 101 -2.79 -5.06 -1.48
C LEU A 101 -2.46 -6.54 -1.44
N LEU A 102 -1.54 -6.90 -0.54
CA LEU A 102 -1.21 -8.30 -0.26
C LEU A 102 -0.59 -8.98 -1.48
N SER A 103 0.64 -8.58 -1.80
CA SER A 103 1.37 -9.18 -2.91
C SER A 103 2.88 -9.10 -2.64
N ASP A 104 3.40 -7.88 -2.57
CA ASP A 104 4.83 -7.66 -2.39
C ASP A 104 5.24 -7.87 -0.93
N GLU A 105 4.38 -7.40 -0.03
CA GLU A 105 4.62 -7.51 1.40
C GLU A 105 4.56 -8.97 1.84
N PHE A 106 3.71 -9.74 1.17
CA PHE A 106 3.57 -11.16 1.45
C PHE A 106 4.83 -11.91 0.99
N LYS A 107 5.41 -11.40 -0.09
CA LYS A 107 6.69 -11.90 -0.59
C LYS A 107 7.79 -11.66 0.44
N ALA A 108 7.66 -10.55 1.15
CA ALA A 108 8.58 -10.20 2.22
C ALA A 108 8.37 -11.11 3.43
N GLY A 109 7.12 -11.50 3.64
CA GLY A 109 6.78 -12.32 4.77
C GLY A 109 6.10 -11.53 5.88
N LEU A 110 5.84 -10.26 5.61
CA LEU A 110 5.17 -9.40 6.58
C LEU A 110 3.72 -9.20 6.18
N HIS A 111 2.96 -8.50 7.01
CA HIS A 111 1.57 -8.20 6.70
C HIS A 111 1.42 -6.76 6.27
N ALA A 112 0.20 -6.37 5.94
CA ALA A 112 -0.08 -5.03 5.47
C ALA A 112 -1.46 -4.58 5.92
N LEU A 113 -1.68 -3.28 5.90
CA LEU A 113 -2.98 -2.72 6.22
C LEU A 113 -3.32 -1.59 5.26
N SER A 114 -4.55 -1.54 4.80
CA SER A 114 -4.95 -0.54 3.83
C SER A 114 -6.20 0.20 4.29
N MET A 115 -6.10 1.52 4.35
CA MET A 115 -7.23 2.35 4.70
C MET A 115 -7.37 3.50 3.70
N THR A 116 -8.58 3.76 3.29
CA THR A 116 -8.84 4.85 2.38
C THR A 116 -9.93 5.74 2.92
N THR A 117 -9.75 7.04 2.77
CA THR A 117 -10.77 7.99 3.11
C THR A 117 -11.19 8.74 1.85
N LYS A 118 -12.49 8.69 1.57
CA LYS A 118 -13.07 9.34 0.41
C LYS A 118 -14.50 9.75 0.76
N THR A 119 -14.89 10.94 0.31
CA THR A 119 -16.25 11.43 0.54
C THR A 119 -17.30 10.43 0.07
N PRO A 120 -18.47 10.42 0.72
CA PRO A 120 -19.56 9.50 0.37
C PRO A 120 -19.84 9.46 -1.13
N ALA A 121 -20.10 8.26 -1.63
CA ALA A 121 -20.40 8.08 -3.04
C ALA A 121 -21.85 8.41 -3.31
N GLU A 122 -22.57 8.66 -2.23
CA GLU A 122 -23.95 9.08 -2.29
C GLU A 122 -24.03 10.59 -2.08
N GLN A 123 -24.02 11.33 -3.18
CA GLN A 123 -24.04 12.78 -3.13
C GLN A 123 -25.20 13.31 -3.95
N MET A 24 -2.50 22.59 -9.35
CA MET A 24 -1.50 22.54 -8.25
C MET A 24 -1.60 21.21 -7.51
N ALA A 25 -1.07 20.17 -8.12
CA ALA A 25 -1.06 18.84 -7.53
C ALA A 25 0.06 18.01 -8.15
N GLU A 26 1.21 18.03 -7.50
CA GLU A 26 2.37 17.30 -7.99
C GLU A 26 2.56 16.03 -7.17
N HIS A 27 2.49 14.89 -7.84
CA HIS A 27 2.60 13.59 -7.17
C HIS A 27 3.80 12.83 -7.68
N GLN A 28 4.87 13.55 -7.95
CA GLN A 28 6.10 12.97 -8.48
C GLN A 28 6.80 12.10 -7.44
N LEU A 29 6.85 10.80 -7.72
CA LEU A 29 7.53 9.85 -6.86
C LEU A 29 8.52 9.02 -7.66
N GLY A 30 9.19 8.09 -7.00
CA GLY A 30 10.16 7.26 -7.68
C GLY A 30 9.73 5.80 -7.78
N PRO A 31 10.61 4.92 -8.28
CA PRO A 31 10.32 3.49 -8.43
C PRO A 31 10.16 2.79 -7.09
N ILE A 32 8.97 2.28 -6.83
CA ILE A 32 8.68 1.64 -5.56
C ILE A 32 8.45 0.13 -5.76
N ALA A 33 7.36 -0.19 -6.45
CA ALA A 33 6.99 -1.57 -6.71
C ALA A 33 5.91 -1.62 -7.77
N GLY A 34 5.46 -2.81 -8.13
CA GLY A 34 4.46 -2.97 -9.17
C GLY A 34 3.17 -2.22 -8.87
N ALA A 35 2.90 -2.02 -7.58
CA ALA A 35 1.74 -1.27 -7.13
C ALA A 35 1.73 0.16 -7.68
N ILE A 36 2.92 0.65 -8.04
CA ILE A 36 3.07 2.01 -8.55
C ILE A 36 2.16 2.25 -9.77
N LYS A 37 1.88 1.18 -10.52
CA LYS A 37 1.03 1.30 -11.70
C LYS A 37 -0.44 1.21 -11.31
N SER A 38 -0.73 0.40 -10.30
CA SER A 38 -2.09 0.22 -9.82
C SER A 38 -2.71 1.56 -9.40
N LYS A 39 -1.99 2.30 -8.58
CA LYS A 39 -2.46 3.59 -8.09
C LYS A 39 -2.67 4.61 -9.22
N VAL A 40 -1.89 4.48 -10.30
CA VAL A 40 -1.89 5.48 -11.38
C VAL A 40 -3.29 5.72 -11.97
N GLU A 41 -4.06 4.66 -12.20
CA GLU A 41 -5.39 4.81 -12.77
C GLU A 41 -6.31 5.60 -11.81
N ALA A 42 -6.20 5.29 -10.52
CA ALA A 42 -6.94 6.02 -9.49
C ALA A 42 -6.45 7.46 -9.41
N ALA A 43 -5.16 7.66 -9.70
CA ALA A 43 -4.50 8.97 -9.60
C ALA A 43 -5.12 9.98 -10.55
N LEU A 44 -5.81 9.49 -11.58
CA LEU A 44 -6.52 10.37 -12.51
C LEU A 44 -7.58 11.19 -11.77
N SER A 45 -8.01 10.67 -10.62
CA SER A 45 -8.88 11.41 -9.73
C SER A 45 -8.03 12.13 -8.70
N PRO A 46 -8.26 13.44 -8.50
CA PRO A 46 -7.49 14.25 -7.55
C PRO A 46 -7.53 13.70 -6.13
N THR A 47 -6.43 13.10 -5.70
CA THR A 47 -6.34 12.50 -4.39
C THR A 47 -4.87 12.35 -3.99
N HIS A 48 -4.60 11.61 -2.93
CA HIS A 48 -3.24 11.41 -2.45
C HIS A 48 -2.99 9.92 -2.28
N PHE A 49 -1.95 9.42 -2.92
CA PHE A 49 -1.60 8.01 -2.82
C PHE A 49 -0.27 7.83 -2.14
N LYS A 50 -0.29 7.15 -1.01
CA LYS A 50 0.90 6.87 -0.23
C LYS A 50 1.31 5.42 -0.42
N LEU A 51 2.47 5.21 -1.01
CA LEU A 51 2.97 3.87 -1.22
C LEU A 51 4.38 3.73 -0.66
N ILE A 52 4.55 2.83 0.29
CA ILE A 52 5.89 2.51 0.77
C ILE A 52 6.13 1.01 0.66
N ASN A 53 7.23 0.65 0.04
CA ASN A 53 7.62 -0.74 -0.08
C ASN A 53 9.03 -0.94 0.43
N ASP A 54 9.15 -1.58 1.58
CA ASP A 54 10.45 -1.90 2.14
C ASP A 54 10.82 -3.32 1.75
N SER A 55 9.79 -4.14 1.56
CA SER A 55 9.93 -5.54 1.17
C SER A 55 10.76 -6.30 2.21
N HIS A 56 11.17 -7.52 1.86
CA HIS A 56 12.01 -8.33 2.73
C HIS A 56 12.38 -9.62 2.05
N LYS A 57 13.49 -9.59 1.33
CA LYS A 57 13.99 -10.77 0.64
C LYS A 57 15.31 -11.19 1.26
N HIS A 58 16.01 -10.22 1.81
CA HIS A 58 17.27 -10.47 2.49
C HIS A 58 17.33 -9.68 3.79
N ALA A 59 17.51 -10.38 4.89
CA ALA A 59 17.75 -9.73 6.17
C ALA A 59 19.19 -9.96 6.60
N GLY A 60 19.80 -10.96 5.99
CA GLY A 60 21.15 -11.35 6.33
C GLY A 60 21.25 -12.85 6.45
N HIS A 61 21.85 -13.32 7.53
CA HIS A 61 21.95 -14.75 7.78
C HIS A 61 21.06 -15.12 8.98
N TYR A 62 20.22 -14.17 9.37
CA TYR A 62 19.34 -14.33 10.52
C TYR A 62 18.31 -15.43 10.28
N ALA A 63 18.11 -16.26 11.30
CA ALA A 63 17.06 -17.29 11.31
C ALA A 63 17.33 -18.36 10.27
N ARG A 64 18.59 -18.50 9.85
CA ARG A 64 18.97 -19.55 8.92
C ARG A 64 18.70 -20.92 9.53
N ASP A 65 17.79 -21.67 8.90
CA ASP A 65 17.34 -22.99 9.37
C ASP A 65 16.51 -22.86 10.64
N GLY A 66 17.07 -22.24 11.66
CA GLY A 66 16.34 -22.01 12.89
C GLY A 66 15.44 -20.81 12.80
N SER A 67 14.43 -20.90 11.94
CA SER A 67 13.51 -19.81 11.71
C SER A 67 12.52 -19.69 12.86
N THR A 68 12.52 -18.54 13.52
CA THR A 68 11.58 -18.29 14.60
C THR A 68 10.18 -18.00 14.03
N ALA A 69 10.15 -17.21 12.96
CA ALA A 69 8.91 -16.88 12.24
C ALA A 69 7.91 -16.16 13.14
N SER A 70 7.88 -14.84 13.04
CA SER A 70 6.91 -14.03 13.76
C SER A 70 6.35 -12.96 12.83
N ASP A 71 6.92 -11.76 12.88
CA ASP A 71 6.57 -10.67 11.98
C ASP A 71 5.06 -10.47 11.86
N ALA A 72 4.49 -10.92 10.74
CA ALA A 72 3.06 -10.84 10.46
C ALA A 72 2.59 -9.38 10.37
N GLY A 73 2.37 -8.75 11.50
CA GLY A 73 1.82 -7.42 11.54
C GLY A 73 2.86 -6.33 11.34
N GLU A 74 4.04 -6.72 10.89
CA GLU A 74 5.11 -5.77 10.63
C GLU A 74 4.72 -4.86 9.47
N THR A 75 4.13 -5.45 8.43
CA THR A 75 3.68 -4.73 7.23
C THR A 75 4.80 -3.88 6.61
N HIS A 76 5.46 -4.43 5.60
CA HIS A 76 6.56 -3.72 4.95
C HIS A 76 6.11 -3.11 3.64
N PHE A 77 4.93 -3.49 3.21
CA PHE A 77 4.31 -2.90 2.04
C PHE A 77 2.92 -2.41 2.39
N ARG A 78 2.61 -1.19 1.99
CA ARG A 78 1.29 -0.63 2.23
C ARG A 78 0.94 0.39 1.16
N LEU A 79 -0.27 0.29 0.64
CA LEU A 79 -0.77 1.24 -0.33
C LEU A 79 -1.98 1.95 0.26
N GLU A 80 -1.86 3.25 0.43
CA GLU A 80 -2.87 4.04 1.11
C GLU A 80 -3.32 5.21 0.25
N VAL A 81 -4.61 5.52 0.28
CA VAL A 81 -5.14 6.64 -0.50
C VAL A 81 -5.99 7.55 0.38
N THR A 82 -5.72 8.84 0.31
CA THR A 82 -6.42 9.84 1.07
C THR A 82 -7.08 10.86 0.13
N SER A 83 -8.40 10.88 0.12
CA SER A 83 -9.15 11.82 -0.69
C SER A 83 -9.85 12.82 0.22
N ASP A 84 -9.45 14.08 0.13
CA ASP A 84 -10.08 15.19 0.87
C ASP A 84 -9.67 15.15 2.36
N ALA A 85 -8.96 14.10 2.75
CA ALA A 85 -8.41 13.96 4.10
C ALA A 85 -9.50 13.89 5.17
N PHE A 86 -10.66 13.37 4.81
CA PHE A 86 -11.76 13.26 5.74
C PHE A 86 -12.55 12.01 5.41
N LYS A 87 -12.26 10.94 6.13
CA LYS A 87 -12.90 9.67 5.87
C LYS A 87 -14.39 9.77 6.18
N GLY A 88 -15.22 9.50 5.19
CA GLY A 88 -16.65 9.51 5.38
C GLY A 88 -17.37 8.48 4.53
N LEU A 89 -16.66 7.92 3.56
CA LEU A 89 -17.22 6.91 2.68
C LEU A 89 -16.48 5.60 2.90
N THR A 90 -17.23 4.49 2.92
CA THR A 90 -16.69 3.17 3.21
C THR A 90 -15.42 2.90 2.42
N LEU A 91 -14.34 2.65 3.15
CA LEU A 91 -13.00 2.61 2.56
C LEU A 91 -12.80 1.41 1.63
N VAL A 92 -13.58 0.35 1.83
CA VAL A 92 -13.38 -0.90 1.09
C VAL A 92 -13.47 -0.72 -0.43
N LYS A 93 -14.14 0.33 -0.87
CA LYS A 93 -14.28 0.59 -2.30
C LYS A 93 -12.94 0.94 -2.93
N ARG A 94 -12.11 1.67 -2.18
CA ARG A 94 -10.82 2.11 -2.69
C ARG A 94 -9.86 0.92 -2.85
N HIS A 95 -10.10 -0.13 -2.07
CA HIS A 95 -9.35 -1.37 -2.20
C HIS A 95 -9.48 -1.91 -3.63
N GLN A 96 -10.69 -1.86 -4.17
CA GLN A 96 -10.94 -2.36 -5.52
C GLN A 96 -10.39 -1.40 -6.57
N LEU A 97 -10.52 -0.10 -6.32
CA LEU A 97 -10.14 0.92 -7.29
C LEU A 97 -8.67 0.80 -7.70
N ILE A 98 -7.80 0.55 -6.73
CA ILE A 98 -6.37 0.48 -7.01
C ILE A 98 -5.89 -0.98 -7.12
N TYR A 99 -6.52 -1.87 -6.35
CA TYR A 99 -6.19 -3.31 -6.31
C TYR A 99 -4.67 -3.59 -6.26
N GLY A 100 -3.92 -2.64 -5.69
CA GLY A 100 -2.47 -2.78 -5.60
C GLY A 100 -2.01 -3.25 -4.25
N LEU A 101 -2.97 -3.53 -3.37
CA LEU A 101 -2.69 -3.82 -1.97
C LEU A 101 -1.82 -5.06 -1.79
N LEU A 102 -1.97 -6.03 -2.67
CA LEU A 102 -1.22 -7.28 -2.53
C LEU A 102 -0.38 -7.55 -3.78
N SER A 103 0.94 -7.42 -3.63
CA SER A 103 1.86 -7.74 -4.70
C SER A 103 3.22 -8.10 -4.14
N ASP A 104 4.00 -7.08 -3.79
CA ASP A 104 5.39 -7.28 -3.36
C ASP A 104 5.46 -7.78 -1.92
N GLU A 105 4.42 -7.51 -1.14
CA GLU A 105 4.38 -7.94 0.26
C GLU A 105 4.41 -9.46 0.36
N PHE A 106 3.86 -10.13 -0.64
CA PHE A 106 3.89 -11.60 -0.69
C PHE A 106 5.32 -12.08 -0.91
N LYS A 107 6.09 -11.25 -1.61
CA LYS A 107 7.51 -11.51 -1.84
C LYS A 107 8.31 -11.21 -0.57
N ALA A 108 7.86 -10.20 0.16
CA ALA A 108 8.49 -9.81 1.41
C ALA A 108 8.20 -10.84 2.50
N GLY A 109 6.99 -11.40 2.46
CA GLY A 109 6.63 -12.44 3.40
C GLY A 109 5.89 -11.89 4.61
N LEU A 110 5.40 -10.66 4.49
CA LEU A 110 4.64 -10.04 5.56
C LEU A 110 3.16 -9.99 5.20
N HIS A 111 2.39 -9.41 6.09
CA HIS A 111 1.01 -9.08 5.80
C HIS A 111 0.92 -7.59 5.55
N ALA A 112 0.02 -7.16 4.69
CA ALA A 112 -0.06 -5.75 4.33
C ALA A 112 -1.39 -5.16 4.80
N LEU A 113 -1.39 -3.86 5.05
CA LEU A 113 -2.60 -3.17 5.45
C LEU A 113 -2.77 -1.90 4.61
N SER A 114 -4.00 -1.49 4.43
CA SER A 114 -4.28 -0.30 3.66
C SER A 114 -5.15 0.68 4.44
N MET A 115 -4.73 1.93 4.49
CA MET A 115 -5.58 2.98 5.02
C MET A 115 -6.07 3.83 3.86
N THR A 116 -7.37 3.83 3.64
CA THR A 116 -7.92 4.57 2.53
C THR A 116 -9.03 5.48 3.02
N THR A 117 -8.79 6.77 2.98
CA THR A 117 -9.74 7.73 3.48
C THR A 117 -10.26 8.59 2.33
N LYS A 118 -11.58 8.77 2.29
CA LYS A 118 -12.23 9.65 1.33
C LYS A 118 -13.51 10.22 1.91
N THR A 119 -13.86 11.44 1.52
CA THR A 119 -15.07 12.10 1.97
C THR A 119 -16.34 11.35 1.57
N PRO A 120 -17.47 11.63 2.23
CA PRO A 120 -18.76 11.00 1.94
C PRO A 120 -19.29 11.33 0.55
N ALA A 121 -20.44 10.77 0.21
CA ALA A 121 -21.03 10.95 -1.11
C ALA A 121 -21.78 12.28 -1.19
N GLU A 122 -22.10 12.85 -0.03
CA GLU A 122 -22.79 14.14 0.03
C GLU A 122 -22.18 15.02 1.10
N GLN A 123 -21.27 15.90 0.69
CA GLN A 123 -20.70 16.90 1.58
C GLN A 123 -19.86 17.89 0.77
N MET A 24 -5.68 19.25 -9.99
CA MET A 24 -5.25 18.29 -8.95
C MET A 24 -4.74 17.01 -9.59
N ALA A 25 -3.42 16.88 -9.65
CA ALA A 25 -2.78 15.73 -10.26
C ALA A 25 -1.33 15.64 -9.79
N GLU A 26 -0.92 14.43 -9.43
CA GLU A 26 0.44 14.23 -8.94
C GLU A 26 1.22 13.36 -9.92
N HIS A 27 2.54 13.49 -9.92
CA HIS A 27 3.37 12.74 -10.85
C HIS A 27 4.21 11.71 -10.09
N GLN A 28 3.99 10.44 -10.38
CA GLN A 28 4.64 9.35 -9.66
C GLN A 28 5.49 8.52 -10.62
N LEU A 29 6.77 8.84 -10.69
CA LEU A 29 7.66 8.16 -11.63
C LEU A 29 8.48 7.08 -10.93
N GLY A 30 8.63 7.20 -9.63
CA GLY A 30 9.46 6.27 -8.88
C GLY A 30 8.82 4.90 -8.71
N PRO A 31 9.41 3.85 -9.31
CA PRO A 31 8.94 2.49 -9.16
C PRO A 31 9.67 1.75 -8.03
N ILE A 32 9.09 1.78 -6.84
CA ILE A 32 9.71 1.13 -5.68
C ILE A 32 9.35 -0.36 -5.64
N ALA A 33 8.24 -0.71 -6.28
CA ALA A 33 7.78 -2.07 -6.34
C ALA A 33 6.84 -2.26 -7.53
N GLY A 34 6.63 -3.49 -7.95
CA GLY A 34 5.74 -3.76 -9.08
C GLY A 34 4.32 -3.30 -8.82
N ALA A 35 3.85 -3.53 -7.61
CA ALA A 35 2.48 -3.19 -7.20
C ALA A 35 2.18 -1.70 -7.36
N ILE A 36 3.21 -0.85 -7.30
CA ILE A 36 3.05 0.60 -7.28
C ILE A 36 2.25 1.11 -8.49
N LYS A 37 2.28 0.36 -9.58
CA LYS A 37 1.59 0.74 -10.81
C LYS A 37 0.09 0.89 -10.58
N SER A 38 -0.44 0.18 -9.58
CA SER A 38 -1.85 0.27 -9.25
C SER A 38 -2.23 1.66 -8.73
N LYS A 39 -1.50 2.12 -7.71
CA LYS A 39 -1.79 3.40 -7.06
C LYS A 39 -1.70 4.55 -8.05
N VAL A 40 -0.92 4.36 -9.11
CA VAL A 40 -0.66 5.38 -10.10
C VAL A 40 -1.97 5.96 -10.69
N GLU A 41 -3.05 5.17 -10.72
CA GLU A 41 -4.33 5.67 -11.23
C GLU A 41 -4.83 6.86 -10.40
N ALA A 42 -4.55 6.81 -9.10
CA ALA A 42 -4.95 7.86 -8.18
C ALA A 42 -4.25 9.18 -8.50
N ALA A 43 -3.11 9.10 -9.17
CA ALA A 43 -2.33 10.29 -9.50
C ALA A 43 -3.09 11.25 -10.41
N LEU A 44 -4.06 10.71 -11.15
CA LEU A 44 -4.86 11.52 -12.06
C LEU A 44 -6.11 12.03 -11.35
N SER A 45 -6.20 11.80 -10.05
CA SER A 45 -7.37 12.17 -9.28
C SER A 45 -6.96 12.96 -8.03
N PRO A 46 -7.88 13.75 -7.47
CA PRO A 46 -7.65 14.49 -6.23
C PRO A 46 -7.49 13.54 -5.04
N THR A 47 -6.26 13.32 -4.63
CA THR A 47 -5.96 12.38 -3.55
C THR A 47 -4.47 12.44 -3.20
N HIS A 48 -4.12 11.82 -2.08
CA HIS A 48 -2.74 11.71 -1.66
C HIS A 48 -2.44 10.24 -1.38
N PHE A 49 -1.40 9.70 -2.02
CA PHE A 49 -1.13 8.28 -1.97
C PHE A 49 0.25 7.96 -1.43
N LYS A 50 0.28 7.25 -0.32
CA LYS A 50 1.51 6.86 0.33
C LYS A 50 1.72 5.36 0.18
N LEU A 51 2.77 4.98 -0.53
CA LEU A 51 3.10 3.57 -0.71
C LEU A 51 4.57 3.36 -0.32
N ILE A 52 4.82 2.46 0.62
CA ILE A 52 6.19 2.14 0.98
C ILE A 52 6.47 0.66 0.85
N ASN A 53 7.60 0.34 0.24
CA ASN A 53 8.03 -1.05 0.10
C ASN A 53 9.44 -1.22 0.65
N ASP A 54 9.53 -1.88 1.80
CA ASP A 54 10.82 -2.17 2.40
C ASP A 54 11.26 -3.56 1.96
N SER A 55 10.28 -4.41 1.66
CA SER A 55 10.49 -5.74 1.10
C SER A 55 11.33 -6.64 2.02
N HIS A 56 11.86 -7.71 1.46
CA HIS A 56 12.68 -8.65 2.21
C HIS A 56 14.15 -8.32 1.98
N LYS A 57 14.57 -7.16 2.47
CA LYS A 57 15.96 -6.75 2.33
C LYS A 57 16.73 -7.06 3.60
N HIS A 58 16.04 -7.01 4.74
CA HIS A 58 16.59 -7.43 6.01
C HIS A 58 15.52 -8.12 6.85
N ALA A 59 15.79 -9.35 7.24
CA ALA A 59 14.89 -10.10 8.11
C ALA A 59 15.69 -11.02 9.02
N GLY A 60 16.35 -11.98 8.41
CA GLY A 60 17.20 -12.89 9.16
C GLY A 60 18.66 -12.55 8.98
N HIS A 61 19.39 -12.48 10.08
CA HIS A 61 20.80 -12.09 10.03
C HIS A 61 21.71 -13.32 10.08
N TYR A 62 21.56 -14.18 9.08
CA TYR A 62 22.40 -15.37 8.97
C TYR A 62 22.37 -15.89 7.53
N ALA A 63 21.52 -16.90 7.28
CA ALA A 63 21.41 -17.52 5.96
C ALA A 63 20.39 -18.65 5.98
N ARG A 64 19.28 -18.46 5.28
CA ARG A 64 18.27 -19.50 5.13
C ARG A 64 17.26 -19.09 4.07
N ASP A 65 16.17 -18.46 4.49
CA ASP A 65 15.10 -18.04 3.61
C ASP A 65 13.94 -17.49 4.44
N GLY A 66 13.16 -18.41 5.01
CA GLY A 66 12.06 -18.02 5.87
C GLY A 66 11.78 -19.08 6.91
N SER A 67 11.95 -18.73 8.16
CA SER A 67 11.72 -19.66 9.26
C SER A 67 10.24 -19.80 9.55
N THR A 68 9.47 -18.79 9.19
CA THR A 68 8.03 -18.86 9.31
C THR A 68 7.36 -18.15 8.13
N ALA A 69 8.06 -17.14 7.59
CA ALA A 69 7.63 -16.43 6.39
C ALA A 69 6.30 -15.70 6.60
N SER A 70 5.97 -15.43 7.85
CA SER A 70 4.76 -14.71 8.19
C SER A 70 4.97 -13.92 9.47
N ASP A 71 4.35 -12.75 9.56
CA ASP A 71 4.50 -11.88 10.72
C ASP A 71 3.18 -11.18 11.04
N ALA A 72 2.62 -10.51 10.04
CA ALA A 72 1.30 -9.87 10.14
C ALA A 72 1.28 -8.70 11.13
N GLY A 73 2.44 -8.11 11.41
CA GLY A 73 2.50 -6.95 12.28
C GLY A 73 3.50 -5.91 11.82
N GLU A 74 4.68 -6.37 11.42
CA GLU A 74 5.75 -5.51 10.96
C GLU A 74 5.35 -4.71 9.72
N THR A 75 4.82 -5.44 8.72
CA THR A 75 4.35 -4.85 7.45
C THR A 75 5.46 -4.08 6.72
N HIS A 76 6.02 -4.69 5.68
CA HIS A 76 7.10 -4.05 4.93
C HIS A 76 6.57 -3.45 3.63
N PHE A 77 5.40 -3.90 3.22
CA PHE A 77 4.67 -3.24 2.16
C PHE A 77 3.43 -2.62 2.77
N ARG A 78 3.17 -1.37 2.42
CA ARG A 78 2.09 -0.63 3.03
C ARG A 78 1.52 0.39 2.04
N LEU A 79 0.20 0.39 1.93
CA LEU A 79 -0.49 1.31 1.05
C LEU A 79 -1.46 2.16 1.85
N GLU A 80 -1.27 3.46 1.83
CA GLU A 80 -2.16 4.39 2.50
C GLU A 80 -2.59 5.48 1.53
N VAL A 81 -3.88 5.56 1.24
CA VAL A 81 -4.37 6.61 0.37
C VAL A 81 -5.47 7.41 1.04
N THR A 82 -5.32 8.71 1.05
CA THR A 82 -6.31 9.61 1.58
C THR A 82 -6.77 10.55 0.48
N SER A 83 -8.02 10.43 0.09
CA SER A 83 -8.58 11.29 -0.93
C SER A 83 -9.58 12.22 -0.27
N ASP A 84 -9.45 13.52 -0.53
CA ASP A 84 -10.37 14.55 -0.01
C ASP A 84 -10.11 14.82 1.48
N ALA A 85 -9.44 13.89 2.14
CA ALA A 85 -9.08 14.03 3.55
C ALA A 85 -10.33 14.13 4.43
N PHE A 86 -11.16 13.09 4.38
CA PHE A 86 -12.37 13.01 5.18
C PHE A 86 -12.98 11.63 4.97
N LYS A 87 -12.92 10.80 5.97
CA LYS A 87 -13.41 9.45 5.84
C LYS A 87 -14.94 9.47 5.78
N GLY A 88 -15.49 8.94 4.70
CA GLY A 88 -16.93 8.87 4.56
C GLY A 88 -17.38 7.78 3.61
N LEU A 89 -16.42 7.06 3.04
CA LEU A 89 -16.71 6.00 2.10
C LEU A 89 -16.24 4.67 2.69
N THR A 90 -16.79 3.58 2.18
CA THR A 90 -16.33 2.26 2.56
C THR A 90 -14.89 2.07 2.07
N LEU A 91 -13.97 1.96 3.01
CA LEU A 91 -12.54 1.93 2.70
C LEU A 91 -12.18 0.82 1.72
N VAL A 92 -12.93 -0.27 1.75
CA VAL A 92 -12.62 -1.43 0.93
C VAL A 92 -12.66 -1.11 -0.56
N LYS A 93 -13.34 -0.04 -0.94
CA LYS A 93 -13.44 0.35 -2.34
C LYS A 93 -12.09 0.80 -2.88
N ARG A 94 -11.43 1.69 -2.15
CA ARG A 94 -10.10 2.18 -2.54
C ARG A 94 -9.10 1.04 -2.58
N HIS A 95 -9.17 0.19 -1.57
CA HIS A 95 -8.39 -1.04 -1.51
C HIS A 95 -8.64 -1.91 -2.74
N GLN A 96 -9.90 -2.02 -3.13
CA GLN A 96 -10.31 -2.90 -4.21
C GLN A 96 -9.91 -2.35 -5.57
N LEU A 97 -10.03 -1.03 -5.72
CA LEU A 97 -9.74 -0.36 -6.99
C LEU A 97 -8.33 -0.68 -7.49
N ILE A 98 -7.35 -0.57 -6.61
CA ILE A 98 -5.96 -0.77 -6.99
C ILE A 98 -5.54 -2.23 -6.85
N TYR A 99 -6.13 -2.92 -5.84
CA TYR A 99 -5.84 -4.33 -5.53
C TYR A 99 -4.33 -4.65 -5.53
N GLY A 100 -3.51 -3.64 -5.23
CA GLY A 100 -2.07 -3.80 -5.25
C GLY A 100 -1.51 -4.42 -3.98
N LEU A 101 -2.40 -4.76 -3.06
CA LEU A 101 -1.98 -5.33 -1.78
C LEU A 101 -1.67 -6.82 -1.94
N LEU A 102 -0.74 -7.29 -1.11
CA LEU A 102 -0.29 -8.68 -1.14
C LEU A 102 0.37 -9.01 -2.47
N SER A 103 1.61 -8.57 -2.62
CA SER A 103 2.40 -8.88 -3.82
C SER A 103 3.87 -9.07 -3.43
N ASP A 104 4.62 -7.97 -3.41
CA ASP A 104 6.03 -8.03 -3.01
C ASP A 104 6.15 -8.36 -1.53
N GLU A 105 5.12 -8.02 -0.77
CA GLU A 105 5.05 -8.36 0.65
C GLU A 105 5.11 -9.88 0.87
N PHE A 106 4.61 -10.63 -0.10
CA PHE A 106 4.65 -12.10 -0.02
C PHE A 106 6.10 -12.57 -0.19
N LYS A 107 6.88 -11.73 -0.86
CA LYS A 107 8.32 -11.93 -0.99
C LYS A 107 9.02 -11.44 0.28
N ALA A 108 8.43 -10.43 0.91
CA ALA A 108 8.97 -9.88 2.14
C ALA A 108 8.78 -10.85 3.30
N GLY A 109 7.57 -11.33 3.50
CA GLY A 109 7.33 -12.36 4.50
C GLY A 109 6.71 -11.85 5.78
N LEU A 110 6.11 -10.66 5.74
CA LEU A 110 5.46 -10.11 6.91
C LEU A 110 3.95 -10.16 6.75
N HIS A 111 3.42 -9.13 6.08
CA HIS A 111 1.99 -8.97 5.77
C HIS A 111 1.76 -7.52 5.40
N ALA A 112 0.82 -7.26 4.52
CA ALA A 112 0.60 -5.90 4.03
C ALA A 112 -0.77 -5.39 4.45
N LEU A 113 -0.82 -4.13 4.84
CA LEU A 113 -2.06 -3.50 5.24
C LEU A 113 -2.26 -2.21 4.46
N SER A 114 -3.50 -1.90 4.15
CA SER A 114 -3.81 -0.69 3.41
C SER A 114 -4.88 0.11 4.12
N MET A 115 -4.52 1.30 4.58
CA MET A 115 -5.52 2.19 5.13
C MET A 115 -5.88 3.22 4.06
N THR A 116 -7.12 3.20 3.63
CA THR A 116 -7.55 4.04 2.54
C THR A 116 -8.78 4.83 2.93
N THR A 117 -8.66 6.13 2.99
CA THR A 117 -9.77 6.99 3.35
C THR A 117 -10.08 7.98 2.24
N LYS A 118 -11.37 8.07 1.91
CA LYS A 118 -11.87 9.04 0.94
C LYS A 118 -13.32 9.42 1.28
N THR A 119 -13.78 10.52 0.71
CA THR A 119 -15.19 10.87 0.76
C THR A 119 -15.96 10.11 -0.32
N PRO A 120 -17.26 9.88 -0.12
CA PRO A 120 -18.10 9.24 -1.13
C PRO A 120 -18.45 10.21 -2.26
N ALA A 121 -19.36 9.82 -3.12
CA ALA A 121 -19.84 10.70 -4.18
C ALA A 121 -20.99 11.55 -3.65
N GLU A 122 -21.22 11.40 -2.36
CA GLU A 122 -22.29 12.13 -1.67
C GLU A 122 -21.77 13.47 -1.19
N GLN A 123 -22.00 14.50 -1.98
CA GLN A 123 -21.52 15.84 -1.66
C GLN A 123 -22.55 16.58 -0.83
N MET A 24 -4.13 16.55 -11.24
CA MET A 24 -4.57 15.61 -12.29
C MET A 24 -3.48 15.43 -13.35
N ALA A 25 -2.52 16.34 -13.38
CA ALA A 25 -1.38 16.21 -14.29
C ALA A 25 -0.24 15.51 -13.58
N GLU A 26 0.44 14.62 -14.28
CA GLU A 26 1.53 13.86 -13.69
C GLU A 26 2.78 14.72 -13.57
N HIS A 27 3.03 15.18 -12.35
CA HIS A 27 4.21 15.97 -12.05
C HIS A 27 5.07 15.25 -11.02
N GLN A 28 4.45 14.31 -10.32
CA GLN A 28 5.15 13.51 -9.32
C GLN A 28 5.52 12.16 -9.91
N LEU A 29 6.74 11.72 -9.66
CA LEU A 29 7.21 10.45 -10.20
C LEU A 29 7.97 9.67 -9.14
N GLY A 30 7.69 8.38 -9.06
CA GLY A 30 8.39 7.53 -8.12
C GLY A 30 8.25 6.05 -8.46
N PRO A 31 9.26 5.44 -9.08
CA PRO A 31 9.27 4.04 -9.42
C PRO A 31 10.02 3.19 -8.38
N ILE A 32 9.27 2.45 -7.58
CA ILE A 32 9.88 1.56 -6.60
C ILE A 32 9.41 0.12 -6.82
N ALA A 33 8.17 -0.17 -6.48
CA ALA A 33 7.61 -1.50 -6.64
C ALA A 33 6.40 -1.43 -7.55
N GLY A 34 5.91 -2.60 -7.99
CA GLY A 34 4.77 -2.66 -8.87
C GLY A 34 3.52 -2.05 -8.25
N ALA A 35 3.37 -2.23 -6.95
CA ALA A 35 2.22 -1.71 -6.20
C ALA A 35 2.14 -0.19 -6.26
N ILE A 36 3.29 0.47 -6.44
CA ILE A 36 3.36 1.92 -6.35
C ILE A 36 2.49 2.60 -7.41
N LYS A 37 2.23 1.91 -8.51
CA LYS A 37 1.41 2.44 -9.60
C LYS A 37 0.05 2.89 -9.08
N SER A 38 -0.50 2.11 -8.15
CA SER A 38 -1.84 2.34 -7.64
C SER A 38 -1.94 3.68 -6.90
N LYS A 39 -0.97 3.97 -6.04
CA LYS A 39 -1.00 5.22 -5.27
C LYS A 39 -0.93 6.43 -6.21
N VAL A 40 -0.25 6.26 -7.34
CA VAL A 40 -0.14 7.32 -8.33
C VAL A 40 -1.51 7.68 -8.89
N GLU A 41 -2.33 6.67 -9.16
CA GLU A 41 -3.69 6.87 -9.67
C GLU A 41 -4.55 7.63 -8.67
N ALA A 42 -4.28 7.43 -7.38
CA ALA A 42 -5.03 8.09 -6.32
C ALA A 42 -4.86 9.60 -6.38
N ALA A 43 -3.76 10.05 -6.95
CA ALA A 43 -3.46 11.48 -7.07
C ALA A 43 -4.49 12.18 -7.97
N LEU A 44 -5.17 11.40 -8.79
CA LEU A 44 -6.19 11.93 -9.70
C LEU A 44 -7.46 12.34 -8.95
N SER A 45 -7.51 12.05 -7.65
CA SER A 45 -8.66 12.39 -6.84
C SER A 45 -8.24 13.13 -5.58
N PRO A 46 -9.11 14.01 -5.05
CA PRO A 46 -8.86 14.72 -3.80
C PRO A 46 -8.81 13.77 -2.62
N THR A 47 -7.61 13.43 -2.18
CA THR A 47 -7.43 12.45 -1.14
C THR A 47 -5.97 12.47 -0.67
N HIS A 48 -5.60 11.53 0.18
CA HIS A 48 -4.23 11.39 0.64
C HIS A 48 -3.79 9.95 0.45
N PHE A 49 -2.70 9.77 -0.28
CA PHE A 49 -2.18 8.44 -0.54
C PHE A 49 -0.82 8.24 0.10
N LYS A 50 -0.72 7.19 0.89
CA LYS A 50 0.54 6.83 1.53
C LYS A 50 0.85 5.37 1.25
N LEU A 51 1.92 5.11 0.51
CA LEU A 51 2.34 3.75 0.26
C LEU A 51 3.80 3.59 0.66
N ILE A 52 4.05 2.71 1.61
CA ILE A 52 5.41 2.43 2.04
C ILE A 52 5.73 0.95 1.83
N ASN A 53 6.72 0.70 1.01
CA ASN A 53 7.16 -0.66 0.75
C ASN A 53 8.65 -0.80 1.02
N ASP A 54 8.99 -1.50 2.09
CA ASP A 54 10.38 -1.81 2.39
C ASP A 54 10.70 -3.19 1.86
N SER A 55 9.64 -4.01 1.78
CA SER A 55 9.73 -5.37 1.27
C SER A 55 10.72 -6.19 2.10
N HIS A 56 11.37 -7.16 1.47
CA HIS A 56 12.35 -7.99 2.15
C HIS A 56 13.73 -7.74 1.57
N LYS A 57 14.69 -7.41 2.44
CA LYS A 57 16.04 -7.11 2.01
C LYS A 57 16.86 -8.39 1.86
N HIS A 58 17.27 -8.96 2.98
CA HIS A 58 18.17 -10.10 2.96
C HIS A 58 18.04 -10.90 4.25
N ALA A 59 18.23 -12.20 4.16
CA ALA A 59 18.22 -13.06 5.34
C ALA A 59 19.59 -13.08 5.99
N GLY A 60 20.63 -13.25 5.18
CA GLY A 60 21.98 -13.18 5.67
C GLY A 60 22.69 -14.52 5.63
N HIS A 61 23.98 -14.51 5.95
CA HIS A 61 24.78 -15.72 6.00
C HIS A 61 24.44 -16.51 7.26
N TYR A 62 23.96 -15.82 8.28
CA TYR A 62 23.57 -16.46 9.54
C TYR A 62 22.06 -16.57 9.62
N ALA A 63 21.41 -15.40 9.64
CA ALA A 63 19.96 -15.28 9.74
C ALA A 63 19.44 -15.80 11.07
N ARG A 64 19.35 -17.12 11.20
CA ARG A 64 18.78 -17.77 12.37
C ARG A 64 18.68 -19.27 12.11
N ASP A 65 17.80 -19.60 11.17
CA ASP A 65 17.56 -20.97 10.73
C ASP A 65 16.53 -20.94 9.63
N GLY A 66 15.59 -20.01 9.77
CA GLY A 66 14.58 -19.81 8.76
C GLY A 66 13.25 -19.47 9.37
N SER A 67 12.19 -19.85 8.69
CA SER A 67 10.82 -19.60 9.15
C SER A 67 9.87 -20.38 8.27
N THR A 68 8.58 -20.09 8.38
CA THR A 68 7.60 -20.69 7.49
C THR A 68 7.35 -19.77 6.29
N ALA A 69 8.29 -18.84 6.08
CA ALA A 69 8.21 -17.87 4.99
C ALA A 69 7.01 -16.94 5.18
N SER A 70 6.71 -16.64 6.43
CA SER A 70 5.62 -15.74 6.75
C SER A 70 5.95 -14.96 8.03
N ASP A 71 6.26 -13.70 7.87
CA ASP A 71 6.56 -12.82 9.00
C ASP A 71 5.27 -12.42 9.71
N ALA A 72 4.48 -11.60 9.03
CA ALA A 72 3.16 -11.17 9.53
C ALA A 72 3.27 -10.46 10.88
N GLY A 73 4.40 -9.82 11.14
CA GLY A 73 4.57 -9.11 12.39
C GLY A 73 5.22 -7.76 12.20
N GLU A 74 6.18 -7.68 11.29
CA GLU A 74 6.88 -6.43 11.02
C GLU A 74 6.11 -5.58 10.03
N THR A 75 5.43 -6.24 9.08
CA THR A 75 4.61 -5.56 8.06
C THR A 75 5.39 -4.47 7.32
N HIS A 76 6.06 -4.85 6.24
CA HIS A 76 6.90 -3.93 5.48
C HIS A 76 6.19 -3.38 4.25
N PHE A 77 4.87 -3.51 4.23
CA PHE A 77 4.07 -2.86 3.21
C PHE A 77 2.84 -2.24 3.85
N ARG A 78 2.55 -1.00 3.49
CA ARG A 78 1.40 -0.29 4.02
C ARG A 78 0.81 0.65 2.99
N LEU A 79 -0.48 0.52 2.77
CA LEU A 79 -1.21 1.41 1.87
C LEU A 79 -2.25 2.18 2.68
N GLU A 80 -2.18 3.49 2.61
CA GLU A 80 -3.10 4.36 3.32
C GLU A 80 -3.75 5.34 2.37
N VAL A 81 -5.06 5.37 2.37
CA VAL A 81 -5.80 6.33 1.56
C VAL A 81 -6.85 7.05 2.41
N THR A 82 -6.65 8.35 2.56
CA THR A 82 -7.51 9.18 3.38
C THR A 82 -8.15 10.27 2.54
N SER A 83 -9.45 10.20 2.33
CA SER A 83 -10.14 11.22 1.57
C SER A 83 -10.71 12.29 2.49
N ASP A 84 -10.04 13.42 2.53
CA ASP A 84 -10.48 14.60 3.28
C ASP A 84 -10.62 14.33 4.79
N ALA A 85 -10.11 13.17 5.22
CA ALA A 85 -10.00 12.80 6.64
C ALA A 85 -11.35 12.48 7.30
N PHE A 86 -12.38 12.24 6.51
CA PHE A 86 -13.68 11.90 7.07
C PHE A 86 -14.27 10.67 6.39
N LYS A 87 -15.21 10.01 7.07
CA LYS A 87 -15.83 8.81 6.53
C LYS A 87 -17.21 9.11 5.93
N GLY A 88 -17.55 8.37 4.89
CA GLY A 88 -18.84 8.52 4.25
C GLY A 88 -19.11 7.42 3.25
N LEU A 89 -18.07 6.95 2.57
CA LEU A 89 -18.19 5.90 1.58
C LEU A 89 -17.57 4.60 2.10
N THR A 90 -17.98 3.49 1.51
CA THR A 90 -17.48 2.19 1.88
C THR A 90 -15.97 2.10 1.69
N LEU A 91 -15.27 1.63 2.71
CA LEU A 91 -13.81 1.58 2.70
C LEU A 91 -13.27 0.60 1.66
N VAL A 92 -13.89 -0.57 1.56
CA VAL A 92 -13.41 -1.61 0.65
C VAL A 92 -13.52 -1.17 -0.81
N LYS A 93 -14.41 -0.21 -1.06
CA LYS A 93 -14.61 0.34 -2.39
C LYS A 93 -13.33 1.02 -2.89
N ARG A 94 -12.60 1.62 -1.95
CA ARG A 94 -11.39 2.34 -2.27
C ARG A 94 -10.29 1.38 -2.69
N HIS A 95 -10.31 0.19 -2.12
CA HIS A 95 -9.30 -0.82 -2.40
C HIS A 95 -9.41 -1.33 -3.83
N GLN A 96 -10.64 -1.50 -4.29
CA GLN A 96 -10.88 -1.99 -5.65
C GLN A 96 -10.42 -0.98 -6.70
N LEU A 97 -10.52 0.30 -6.36
CA LEU A 97 -10.18 1.38 -7.29
C LEU A 97 -8.70 1.37 -7.65
N ILE A 98 -7.87 0.88 -6.73
CA ILE A 98 -6.42 0.89 -6.93
C ILE A 98 -5.85 -0.53 -7.12
N TYR A 99 -6.53 -1.51 -6.50
CA TYR A 99 -6.19 -2.95 -6.60
C TYR A 99 -4.68 -3.24 -6.52
N GLY A 100 -3.97 -2.44 -5.73
CA GLY A 100 -2.52 -2.61 -5.61
C GLY A 100 -2.11 -3.36 -4.36
N LEU A 101 -3.09 -3.80 -3.58
CA LEU A 101 -2.82 -4.40 -2.28
C LEU A 101 -2.29 -5.83 -2.44
N LEU A 102 -1.50 -6.27 -1.45
CA LEU A 102 -1.02 -7.66 -1.34
C LEU A 102 0.05 -8.00 -2.39
N SER A 103 0.13 -7.19 -3.44
CA SER A 103 1.02 -7.45 -4.57
C SER A 103 2.47 -7.72 -4.14
N ASP A 104 3.14 -6.70 -3.65
CA ASP A 104 4.55 -6.82 -3.25
C ASP A 104 4.69 -7.51 -1.91
N GLU A 105 3.63 -7.46 -1.11
CA GLU A 105 3.62 -8.12 0.19
C GLU A 105 3.97 -9.60 0.05
N PHE A 106 3.47 -10.22 -1.03
CA PHE A 106 3.75 -11.63 -1.31
C PHE A 106 5.24 -11.86 -1.54
N LYS A 107 5.91 -10.85 -2.09
CA LYS A 107 7.34 -10.95 -2.37
C LYS A 107 8.16 -10.70 -1.09
N ALA A 108 7.64 -9.82 -0.25
CA ALA A 108 8.31 -9.44 0.99
C ALA A 108 8.31 -10.59 2.00
N GLY A 109 7.19 -11.29 2.09
CA GLY A 109 7.11 -12.42 3.00
C GLY A 109 6.36 -12.10 4.27
N LEU A 110 5.91 -10.86 4.39
CA LEU A 110 5.12 -10.46 5.55
C LEU A 110 3.74 -10.00 5.10
N HIS A 111 2.84 -9.82 6.06
CA HIS A 111 1.51 -9.33 5.75
C HIS A 111 1.54 -7.81 5.66
N ALA A 112 0.66 -7.25 4.87
CA ALA A 112 0.57 -5.82 4.70
C ALA A 112 -0.78 -5.31 5.19
N LEU A 113 -0.84 -4.02 5.45
CA LEU A 113 -2.07 -3.40 5.93
C LEU A 113 -2.46 -2.23 5.05
N SER A 114 -3.74 -2.14 4.72
CA SER A 114 -4.22 -1.04 3.92
C SER A 114 -5.41 -0.36 4.60
N MET A 115 -5.20 0.89 5.01
CA MET A 115 -6.24 1.64 5.70
C MET A 115 -6.87 2.66 4.77
N THR A 116 -8.18 2.60 4.66
CA THR A 116 -8.89 3.48 3.76
C THR A 116 -10.02 4.22 4.48
N THR A 117 -9.85 5.52 4.62
CA THR A 117 -10.91 6.38 5.07
C THR A 117 -11.27 7.32 3.93
N LYS A 118 -12.57 7.43 3.66
CA LYS A 118 -13.05 8.03 2.42
C LYS A 118 -14.31 8.85 2.70
N THR A 119 -14.39 10.03 2.10
CA THR A 119 -15.46 10.99 2.41
C THR A 119 -16.70 10.79 1.54
N PRO A 120 -17.85 11.28 2.03
CA PRO A 120 -19.09 11.30 1.25
C PRO A 120 -19.15 12.49 0.31
N ALA A 121 -18.23 13.44 0.50
CA ALA A 121 -18.15 14.62 -0.35
C ALA A 121 -17.40 14.30 -1.63
N GLU A 122 -16.64 13.22 -1.60
CA GLU A 122 -15.96 12.72 -2.78
C GLU A 122 -16.76 11.57 -3.35
N GLN A 123 -16.91 11.54 -4.67
CA GLN A 123 -17.61 10.43 -5.30
C GLN A 123 -16.63 9.35 -5.67
N MET A 24 5.32 19.02 -13.63
CA MET A 24 4.89 19.42 -12.28
C MET A 24 5.32 18.38 -11.25
N ALA A 25 5.02 17.12 -11.53
CA ALA A 25 5.40 16.03 -10.64
C ALA A 25 6.25 15.01 -11.39
N GLU A 26 7.44 14.76 -10.89
CA GLU A 26 8.34 13.79 -11.50
C GLU A 26 8.06 12.39 -10.98
N HIS A 27 8.58 11.39 -11.67
CA HIS A 27 8.38 10.02 -11.28
C HIS A 27 9.62 9.49 -10.57
N GLN A 28 9.66 9.73 -9.27
CA GLN A 28 10.79 9.33 -8.44
C GLN A 28 10.62 7.88 -8.01
N LEU A 29 11.76 7.16 -7.92
CA LEU A 29 11.78 5.75 -7.57
C LEU A 29 11.23 4.89 -8.71
N GLY A 30 11.12 3.59 -8.49
CA GLY A 30 10.69 2.69 -9.54
C GLY A 30 11.08 1.24 -9.31
N PRO A 31 12.37 0.94 -9.06
CA PRO A 31 12.85 -0.44 -8.85
C PRO A 31 12.38 -1.05 -7.51
N ILE A 32 11.47 -0.36 -6.84
CA ILE A 32 10.88 -0.84 -5.60
C ILE A 32 9.40 -0.48 -5.56
N ALA A 33 8.65 -1.15 -4.69
CA ALA A 33 7.21 -0.92 -4.55
C ALA A 33 6.46 -1.17 -5.85
N GLY A 34 6.23 -2.44 -6.16
CA GLY A 34 5.50 -2.81 -7.37
C GLY A 34 4.10 -2.24 -7.38
N ALA A 35 3.56 -2.03 -6.18
CA ALA A 35 2.25 -1.44 -5.98
C ALA A 35 2.12 -0.04 -6.59
N ILE A 36 3.27 0.61 -6.78
CA ILE A 36 3.32 2.00 -7.22
C ILE A 36 2.45 2.26 -8.47
N LYS A 37 2.32 1.26 -9.33
CA LYS A 37 1.51 1.39 -10.53
C LYS A 37 0.04 1.68 -10.19
N SER A 38 -0.45 1.04 -9.14
CA SER A 38 -1.83 1.22 -8.72
C SER A 38 -2.08 2.64 -8.24
N LYS A 39 -1.20 3.16 -7.39
CA LYS A 39 -1.37 4.51 -6.86
C LYS A 39 -1.31 5.56 -7.97
N VAL A 40 -0.53 5.28 -9.02
CA VAL A 40 -0.46 6.16 -10.18
C VAL A 40 -1.82 6.24 -10.86
N GLU A 41 -2.50 5.10 -10.95
CA GLU A 41 -3.84 5.04 -11.52
C GLU A 41 -4.80 5.91 -10.70
N ALA A 42 -4.68 5.81 -9.39
CA ALA A 42 -5.52 6.56 -8.46
C ALA A 42 -5.26 8.07 -8.55
N ALA A 43 -4.08 8.44 -9.05
CA ALA A 43 -3.65 9.84 -9.07
C ALA A 43 -4.55 10.73 -9.93
N LEU A 44 -5.29 10.13 -10.86
CA LEU A 44 -6.20 10.90 -11.71
C LEU A 44 -7.53 11.12 -11.01
N SER A 45 -7.79 10.35 -9.96
CA SER A 45 -9.04 10.42 -9.24
C SER A 45 -8.90 11.31 -8.01
N PRO A 46 -9.95 12.06 -7.66
CA PRO A 46 -9.95 12.95 -6.49
C PRO A 46 -9.89 12.18 -5.18
N THR A 47 -8.70 12.09 -4.60
CA THR A 47 -8.49 11.42 -3.33
C THR A 47 -7.02 11.60 -2.91
N HIS A 48 -6.64 10.98 -1.80
CA HIS A 48 -5.26 11.02 -1.35
C HIS A 48 -4.77 9.60 -1.08
N PHE A 49 -3.68 9.22 -1.72
CA PHE A 49 -3.12 7.90 -1.56
C PHE A 49 -1.79 7.95 -0.81
N LYS A 50 -1.74 7.29 0.33
CA LYS A 50 -0.52 7.19 1.10
C LYS A 50 0.04 5.78 0.94
N LEU A 51 1.20 5.69 0.31
CA LEU A 51 1.84 4.40 0.09
C LEU A 51 3.28 4.45 0.57
N ILE A 52 3.60 3.59 1.54
CA ILE A 52 4.99 3.39 1.93
C ILE A 52 5.30 1.89 1.86
N ASN A 53 6.25 1.54 1.01
CA ASN A 53 6.60 0.15 0.78
C ASN A 53 8.08 -0.09 0.99
N ASP A 54 8.41 -1.01 1.88
CA ASP A 54 9.81 -1.31 2.18
C ASP A 54 10.33 -2.41 1.26
N SER A 55 9.42 -3.21 0.71
CA SER A 55 9.80 -4.44 0.00
C SER A 55 10.70 -5.30 0.89
N HIS A 56 11.85 -5.66 0.37
CA HIS A 56 12.88 -6.36 1.12
C HIS A 56 14.18 -6.24 0.35
N LYS A 57 14.72 -5.04 0.32
CA LYS A 57 15.87 -4.71 -0.51
C LYS A 57 17.14 -5.37 0.02
N HIS A 58 17.18 -5.59 1.33
CA HIS A 58 18.31 -6.26 1.95
C HIS A 58 17.82 -7.41 2.80
N ALA A 59 18.67 -8.41 3.02
CA ALA A 59 18.33 -9.55 3.84
C ALA A 59 17.91 -9.10 5.23
N GLY A 60 18.72 -8.23 5.83
CA GLY A 60 18.41 -7.72 7.15
C GLY A 60 18.94 -8.62 8.24
N HIS A 61 20.27 -8.62 8.43
CA HIS A 61 20.91 -9.39 9.48
C HIS A 61 20.76 -10.89 9.24
N TYR A 62 20.33 -11.24 8.03
CA TYR A 62 20.18 -12.65 7.60
C TYR A 62 18.99 -13.31 8.33
N ALA A 63 18.30 -12.52 9.16
CA ALA A 63 17.20 -13.00 9.99
C ALA A 63 17.68 -14.07 10.98
N ARG A 64 17.78 -15.30 10.51
CA ARG A 64 18.20 -16.43 11.34
C ARG A 64 18.54 -17.62 10.47
N ASP A 65 17.53 -18.37 10.03
CA ASP A 65 17.71 -19.52 9.14
C ASP A 65 16.37 -20.18 8.86
N GLY A 66 15.56 -20.31 9.89
CA GLY A 66 14.24 -20.92 9.74
C GLY A 66 13.14 -19.88 9.61
N SER A 67 13.31 -18.95 8.69
CA SER A 67 12.31 -17.94 8.44
C SER A 67 11.29 -18.46 7.44
N THR A 68 10.09 -18.78 7.92
CA THR A 68 9.06 -19.36 7.08
C THR A 68 8.09 -18.28 6.60
N ALA A 69 8.49 -17.02 6.76
CA ALA A 69 7.72 -15.87 6.31
C ALA A 69 6.44 -15.71 7.14
N SER A 70 6.47 -16.22 8.36
CA SER A 70 5.35 -16.06 9.27
C SER A 70 5.43 -14.68 9.92
N ASP A 71 4.91 -13.69 9.21
CA ASP A 71 4.95 -12.32 9.69
C ASP A 71 3.74 -11.99 10.56
N ALA A 72 2.68 -11.50 9.92
CA ALA A 72 1.46 -11.09 10.63
C ALA A 72 1.79 -10.08 11.72
N GLY A 73 2.83 -9.28 11.50
CA GLY A 73 3.25 -8.34 12.52
C GLY A 73 3.92 -7.10 11.95
N GLU A 74 4.96 -7.29 11.16
CA GLU A 74 5.72 -6.17 10.63
C GLU A 74 5.24 -5.82 9.22
N THR A 75 4.05 -5.24 9.17
CA THR A 75 3.49 -4.71 7.94
C THR A 75 4.46 -3.70 7.30
N HIS A 76 5.17 -4.16 6.27
CA HIS A 76 6.18 -3.34 5.62
C HIS A 76 5.57 -2.56 4.46
N PHE A 77 4.30 -2.80 4.23
CA PHE A 77 3.56 -2.06 3.22
C PHE A 77 2.26 -1.56 3.82
N ARG A 78 1.87 -0.36 3.45
CA ARG A 78 0.57 0.15 3.83
C ARG A 78 0.05 1.11 2.76
N LEU A 79 -1.09 0.77 2.19
CA LEU A 79 -1.75 1.66 1.25
C LEU A 79 -2.96 2.27 1.94
N GLU A 80 -2.94 3.57 2.11
CA GLU A 80 -4.03 4.26 2.80
C GLU A 80 -4.60 5.35 1.92
N VAL A 81 -5.87 5.21 1.57
CA VAL A 81 -6.54 6.18 0.72
C VAL A 81 -7.62 6.90 1.51
N THR A 82 -7.39 8.19 1.73
CA THR A 82 -8.25 9.03 2.52
C THR A 82 -8.79 10.18 1.68
N SER A 83 -10.09 10.19 1.46
CA SER A 83 -10.71 11.28 0.73
C SER A 83 -11.29 12.31 1.70
N ASP A 84 -10.60 13.45 1.82
CA ASP A 84 -11.08 14.61 2.59
C ASP A 84 -11.06 14.36 4.10
N ALA A 85 -10.69 13.15 4.50
CA ALA A 85 -10.64 12.76 5.91
C ALA A 85 -12.03 12.75 6.54
N PHE A 86 -12.99 12.20 5.81
CA PHE A 86 -14.37 12.12 6.25
C PHE A 86 -14.96 10.82 5.74
N LYS A 87 -15.70 10.15 6.58
CA LYS A 87 -16.18 8.81 6.27
C LYS A 87 -17.61 8.84 5.78
N GLY A 88 -17.96 7.92 4.90
CA GLY A 88 -19.31 7.87 4.37
C GLY A 88 -19.55 6.64 3.53
N LEU A 89 -18.65 6.37 2.60
CA LEU A 89 -18.80 5.22 1.71
C LEU A 89 -18.05 4.01 2.24
N THR A 90 -18.44 2.83 1.78
CA THR A 90 -17.79 1.59 2.19
C THR A 90 -16.31 1.60 1.80
N LEU A 91 -15.47 1.17 2.71
CA LEU A 91 -14.02 1.24 2.53
C LEU A 91 -13.52 0.21 1.51
N VAL A 92 -14.23 -0.92 1.41
CA VAL A 92 -13.75 -2.07 0.65
C VAL A 92 -13.60 -1.78 -0.85
N LYS A 93 -14.43 -0.88 -1.35
CA LYS A 93 -14.44 -0.59 -2.78
C LYS A 93 -13.13 0.03 -3.23
N ARG A 94 -12.50 0.80 -2.35
CA ARG A 94 -11.27 1.51 -2.69
C ARG A 94 -10.14 0.53 -3.03
N HIS A 95 -10.10 -0.58 -2.30
CA HIS A 95 -9.04 -1.58 -2.50
C HIS A 95 -9.23 -2.31 -3.81
N GLN A 96 -10.49 -2.46 -4.22
CA GLN A 96 -10.82 -3.17 -5.44
C GLN A 96 -10.45 -2.35 -6.68
N LEU A 97 -10.58 -1.03 -6.56
CA LEU A 97 -10.31 -0.12 -7.67
C LEU A 97 -8.85 -0.20 -8.13
N ILE A 98 -7.93 -0.13 -7.18
CA ILE A 98 -6.51 -0.06 -7.50
C ILE A 98 -5.81 -1.40 -7.38
N TYR A 99 -6.42 -2.32 -6.60
CA TYR A 99 -5.88 -3.67 -6.35
C TYR A 99 -4.37 -3.66 -6.07
N GLY A 100 -3.93 -2.65 -5.33
CA GLY A 100 -2.51 -2.50 -5.05
C GLY A 100 -2.09 -3.16 -3.74
N LEU A 101 -3.04 -3.79 -3.07
CA LEU A 101 -2.76 -4.45 -1.79
C LEU A 101 -2.68 -5.96 -2.01
N LEU A 102 -1.97 -6.66 -1.11
CA LEU A 102 -1.74 -8.11 -1.25
C LEU A 102 -0.94 -8.40 -2.51
N SER A 103 -0.06 -7.47 -2.87
CA SER A 103 0.73 -7.60 -4.08
C SER A 103 2.23 -7.62 -3.75
N ASP A 104 2.78 -6.44 -3.50
CA ASP A 104 4.21 -6.27 -3.28
C ASP A 104 4.66 -6.94 -1.98
N GLU A 105 3.83 -6.83 -0.94
CA GLU A 105 4.13 -7.39 0.36
C GLU A 105 4.43 -8.88 0.26
N PHE A 106 3.80 -9.54 -0.71
CA PHE A 106 3.92 -10.98 -0.87
C PHE A 106 5.32 -11.36 -1.38
N LYS A 107 5.95 -10.45 -2.13
CA LYS A 107 7.27 -10.73 -2.72
C LYS A 107 8.36 -10.69 -1.66
N ALA A 108 8.02 -10.15 -0.49
CA ALA A 108 8.98 -10.05 0.60
C ALA A 108 8.62 -10.97 1.75
N GLY A 109 7.34 -11.28 1.90
CA GLY A 109 6.90 -12.23 2.90
C GLY A 109 6.29 -11.57 4.13
N LEU A 110 6.36 -10.25 4.20
CA LEU A 110 5.76 -9.52 5.32
C LEU A 110 4.43 -8.97 4.87
N HIS A 111 3.52 -8.73 5.79
CA HIS A 111 2.18 -8.32 5.41
C HIS A 111 1.99 -6.81 5.40
N ALA A 112 0.73 -6.40 5.29
CA ALA A 112 0.39 -5.00 5.15
C ALA A 112 -0.95 -4.70 5.81
N LEU A 113 -1.09 -3.49 6.34
CA LEU A 113 -2.35 -3.03 6.87
C LEU A 113 -2.76 -1.74 6.17
N SER A 114 -4.01 -1.65 5.78
CA SER A 114 -4.47 -0.50 5.03
C SER A 114 -5.72 0.12 5.65
N MET A 115 -5.72 1.44 5.77
CA MET A 115 -6.87 2.16 6.27
C MET A 115 -7.40 3.09 5.18
N THR A 116 -8.64 2.90 4.78
CA THR A 116 -9.21 3.69 3.71
C THR A 116 -10.53 4.33 4.13
N THR A 117 -10.56 5.65 4.10
CA THR A 117 -11.78 6.39 4.31
C THR A 117 -12.05 7.29 3.10
N LYS A 118 -13.28 7.29 2.62
CA LYS A 118 -13.65 8.11 1.48
C LYS A 118 -14.95 8.86 1.78
N THR A 119 -15.00 10.12 1.37
CA THR A 119 -16.20 10.92 1.50
C THR A 119 -17.32 10.38 0.63
N PRO A 120 -18.57 10.46 1.12
CA PRO A 120 -19.74 10.02 0.37
C PRO A 120 -20.03 10.93 -0.81
N ALA A 121 -20.89 10.49 -1.71
CA ALA A 121 -21.26 11.28 -2.88
C ALA A 121 -22.33 12.30 -2.53
N GLU A 122 -22.71 12.32 -1.26
CA GLU A 122 -23.71 13.24 -0.77
C GLU A 122 -23.05 14.34 0.04
N GLN A 123 -22.75 15.45 -0.61
CA GLN A 123 -22.10 16.58 0.04
C GLN A 123 -23.11 17.67 0.35
N MET A 24 2.88 14.61 5.41
CA MET A 24 3.82 15.71 5.05
C MET A 24 5.24 15.33 5.45
N ALA A 25 5.84 14.46 4.65
CA ALA A 25 7.21 13.99 4.86
C ALA A 25 7.64 13.17 3.66
N GLU A 26 8.91 12.76 3.63
CA GLU A 26 9.40 11.92 2.55
C GLU A 26 10.23 10.77 3.10
N HIS A 27 10.12 9.63 2.45
CA HIS A 27 10.88 8.45 2.83
C HIS A 27 11.34 7.73 1.56
N GLN A 28 12.57 8.00 1.16
CA GLN A 28 13.07 7.53 -0.14
C GLN A 28 13.48 6.07 -0.09
N LEU A 29 12.47 5.20 -0.09
CA LEU A 29 12.65 3.75 -0.19
C LEU A 29 11.41 3.13 -0.80
N GLY A 30 11.42 2.90 -2.09
CA GLY A 30 10.27 2.33 -2.75
C GLY A 30 10.60 1.54 -4.00
N PRO A 31 11.20 0.35 -3.86
CA PRO A 31 11.41 -0.56 -4.97
C PRO A 31 10.12 -1.30 -5.31
N ILE A 32 9.28 -0.68 -6.12
CA ILE A 32 7.95 -1.19 -6.38
C ILE A 32 7.78 -1.49 -7.86
N ALA A 33 6.90 -2.44 -8.19
CA ALA A 33 6.67 -2.79 -9.58
C ALA A 33 5.18 -2.85 -9.90
N GLY A 34 4.53 -3.91 -9.45
CA GLY A 34 3.11 -4.09 -9.74
C GLY A 34 2.25 -3.00 -9.13
N ALA A 35 2.54 -2.64 -7.88
CA ALA A 35 1.69 -1.72 -7.13
C ALA A 35 1.61 -0.34 -7.77
N ILE A 36 2.75 0.17 -8.26
CA ILE A 36 2.78 1.53 -8.82
C ILE A 36 1.85 1.66 -10.02
N LYS A 37 1.59 0.56 -10.71
CA LYS A 37 0.71 0.56 -11.86
C LYS A 37 -0.72 0.92 -11.44
N SER A 38 -1.15 0.36 -10.31
CA SER A 38 -2.49 0.58 -9.78
C SER A 38 -2.70 2.04 -9.38
N LYS A 39 -1.70 2.64 -8.71
CA LYS A 39 -1.83 4.02 -8.26
C LYS A 39 -1.98 4.98 -9.44
N VAL A 40 -1.40 4.61 -10.58
CA VAL A 40 -1.53 5.40 -11.80
C VAL A 40 -2.99 5.48 -12.23
N GLU A 41 -3.69 4.36 -12.16
CA GLU A 41 -5.09 4.29 -12.54
C GLU A 41 -5.93 5.21 -11.65
N ALA A 42 -5.54 5.32 -10.38
CA ALA A 42 -6.25 6.16 -9.43
C ALA A 42 -6.16 7.64 -9.81
N ALA A 43 -5.10 8.01 -10.53
CA ALA A 43 -4.86 9.40 -10.92
C ALA A 43 -5.97 9.94 -11.83
N LEU A 44 -6.68 9.04 -12.49
CA LEU A 44 -7.79 9.44 -13.35
C LEU A 44 -8.93 10.03 -12.52
N SER A 45 -8.95 9.72 -11.24
CA SER A 45 -9.95 10.24 -10.34
C SER A 45 -9.40 11.44 -9.57
N PRO A 46 -10.26 12.39 -9.18
CA PRO A 46 -9.86 13.51 -8.34
C PRO A 46 -9.56 13.05 -6.91
N THR A 47 -8.28 12.80 -6.64
CA THR A 47 -7.87 12.27 -5.35
C THR A 47 -6.34 12.30 -5.25
N HIS A 48 -5.81 11.87 -4.12
CA HIS A 48 -4.37 11.81 -3.93
C HIS A 48 -3.98 10.44 -3.43
N PHE A 49 -3.07 9.80 -4.14
CA PHE A 49 -2.66 8.45 -3.82
C PHE A 49 -1.30 8.42 -3.14
N LYS A 50 -1.19 7.64 -2.08
CA LYS A 50 0.07 7.43 -1.38
C LYS A 50 0.38 5.94 -1.33
N LEU A 51 1.44 5.54 -2.02
CA LEU A 51 1.84 4.14 -2.03
C LEU A 51 3.32 4.02 -1.68
N ILE A 52 3.62 3.35 -0.58
CA ILE A 52 5.01 3.09 -0.20
C ILE A 52 5.22 1.61 0.10
N ASN A 53 6.10 0.96 -0.65
CA ASN A 53 6.48 -0.41 -0.37
C ASN A 53 7.99 -0.51 -0.25
N ASP A 54 8.44 -0.91 0.92
CA ASP A 54 9.87 -1.09 1.19
C ASP A 54 10.41 -2.30 0.42
N SER A 55 9.55 -3.28 0.18
CA SER A 55 9.94 -4.54 -0.43
C SER A 55 11.09 -5.17 0.37
N HIS A 56 12.29 -5.13 -0.20
CA HIS A 56 13.53 -5.51 0.50
C HIS A 56 14.63 -5.67 -0.53
N LYS A 57 15.87 -5.79 -0.10
CA LYS A 57 16.95 -6.10 -1.01
C LYS A 57 17.12 -7.60 -1.12
N HIS A 58 18.31 -8.06 -1.45
CA HIS A 58 18.50 -9.49 -1.66
C HIS A 58 19.05 -10.12 -0.40
N ALA A 59 18.25 -11.05 0.16
CA ALA A 59 18.54 -11.72 1.42
C ALA A 59 17.28 -12.42 1.90
N GLY A 60 17.07 -13.65 1.46
CA GLY A 60 15.85 -14.36 1.76
C GLY A 60 15.70 -14.71 3.22
N HIS A 61 16.81 -15.01 3.88
CA HIS A 61 16.76 -15.42 5.27
C HIS A 61 18.02 -14.97 6.00
N TYR A 62 17.83 -14.15 7.03
CA TYR A 62 18.94 -13.64 7.82
C TYR A 62 18.83 -14.13 9.25
N ALA A 63 19.83 -14.85 9.70
CA ALA A 63 19.83 -15.42 11.04
C ALA A 63 21.07 -15.03 11.81
N ARG A 64 20.92 -14.15 12.78
CA ARG A 64 22.03 -13.75 13.63
C ARG A 64 22.27 -14.84 14.68
N ASP A 65 21.23 -15.16 15.43
CA ASP A 65 21.30 -16.23 16.42
C ASP A 65 20.75 -17.53 15.84
N GLY A 66 19.61 -17.43 15.18
CA GLY A 66 18.95 -18.59 14.62
C GLY A 66 17.46 -18.37 14.52
N SER A 67 17.06 -17.58 13.53
CA SER A 67 15.67 -17.18 13.39
C SER A 67 14.88 -18.20 12.58
N THR A 68 13.60 -18.33 12.89
CA THR A 68 12.69 -19.16 12.13
C THR A 68 11.96 -18.30 11.08
N ALA A 69 10.74 -17.87 11.40
CA ALA A 69 9.97 -16.97 10.55
C ALA A 69 8.70 -16.55 11.27
N SER A 70 8.04 -15.51 10.77
CA SER A 70 6.80 -15.04 11.34
C SER A 70 6.23 -13.91 10.49
N ASP A 71 6.83 -12.73 10.61
CA ASP A 71 6.39 -11.53 9.89
C ASP A 71 4.90 -11.29 10.08
N ALA A 72 4.14 -11.44 8.99
CA ALA A 72 2.69 -11.21 8.98
C ALA A 72 2.34 -9.82 9.52
N GLY A 73 2.09 -9.74 10.83
CA GLY A 73 1.76 -8.48 11.45
C GLY A 73 2.97 -7.59 11.59
N GLU A 74 3.26 -6.83 10.55
CA GLU A 74 4.39 -5.93 10.53
C GLU A 74 4.09 -4.77 9.59
N THR A 75 3.59 -5.12 8.41
CA THR A 75 3.11 -4.17 7.39
C THR A 75 4.17 -3.11 7.03
N HIS A 76 4.89 -3.35 5.94
CA HIS A 76 5.91 -2.40 5.49
C HIS A 76 5.50 -1.81 4.14
N PHE A 77 4.26 -2.08 3.78
CA PHE A 77 3.65 -1.55 2.57
C PHE A 77 2.28 -1.03 2.92
N ARG A 78 1.94 0.15 2.42
CA ARG A 78 0.62 0.71 2.66
C ARG A 78 0.18 1.54 1.47
N LEU A 79 -1.04 1.28 1.03
CA LEU A 79 -1.65 2.05 -0.05
C LEU A 79 -2.80 2.86 0.53
N GLU A 80 -2.69 4.16 0.41
CA GLU A 80 -3.61 5.06 1.07
C GLU A 80 -4.00 6.21 0.14
N VAL A 81 -5.28 6.32 -0.18
CA VAL A 81 -5.76 7.42 -1.01
C VAL A 81 -6.89 8.16 -0.29
N THR A 82 -6.79 9.46 -0.27
CA THR A 82 -7.78 10.30 0.37
C THR A 82 -8.37 11.28 -0.64
N SER A 83 -9.68 11.26 -0.80
CA SER A 83 -10.36 12.19 -1.67
C SER A 83 -11.00 13.31 -0.86
N ASP A 84 -10.62 14.55 -1.19
CA ASP A 84 -11.19 15.76 -0.57
C ASP A 84 -10.74 15.92 0.88
N ALA A 85 -9.89 15.01 1.34
CA ALA A 85 -9.43 15.01 2.73
C ALA A 85 -10.61 14.98 3.70
N PHE A 86 -11.34 13.87 3.69
CA PHE A 86 -12.55 13.74 4.45
C PHE A 86 -12.97 12.28 4.51
N LYS A 87 -13.66 11.92 5.56
CA LYS A 87 -14.10 10.55 5.76
C LYS A 87 -15.56 10.40 5.34
N GLY A 88 -15.84 9.47 4.43
CA GLY A 88 -17.19 9.32 3.94
C GLY A 88 -17.53 7.89 3.59
N LEU A 89 -16.95 7.41 2.50
CA LEU A 89 -17.22 6.06 2.04
C LEU A 89 -16.31 5.10 2.74
N THR A 90 -16.75 3.86 2.86
CA THR A 90 -15.97 2.85 3.54
C THR A 90 -14.64 2.61 2.80
N LEU A 91 -13.57 2.52 3.56
CA LEU A 91 -12.23 2.41 2.99
C LEU A 91 -12.09 1.21 2.05
N VAL A 92 -12.70 0.10 2.43
CA VAL A 92 -12.60 -1.13 1.64
C VAL A 92 -13.36 -1.01 0.31
N LYS A 93 -14.23 -0.02 0.22
CA LYS A 93 -15.02 0.20 -0.98
C LYS A 93 -14.17 0.86 -2.06
N ARG A 94 -13.43 1.90 -1.67
CA ARG A 94 -12.56 2.62 -2.60
C ARG A 94 -11.33 1.77 -2.95
N HIS A 95 -10.83 1.03 -1.96
CA HIS A 95 -9.71 0.12 -2.16
C HIS A 95 -10.02 -0.89 -3.27
N GLN A 96 -11.28 -1.28 -3.37
CA GLN A 96 -11.70 -2.28 -4.33
C GLN A 96 -11.58 -1.76 -5.76
N LEU A 97 -11.82 -0.45 -5.93
CA LEU A 97 -11.86 0.16 -7.26
C LEU A 97 -10.47 0.20 -7.90
N ILE A 98 -9.45 0.40 -7.07
CA ILE A 98 -8.09 0.56 -7.58
C ILE A 98 -7.24 -0.68 -7.35
N TYR A 99 -7.65 -1.50 -6.38
CA TYR A 99 -6.94 -2.74 -5.99
C TYR A 99 -5.41 -2.56 -5.98
N GLY A 100 -4.96 -1.44 -5.43
CA GLY A 100 -3.54 -1.13 -5.43
C GLY A 100 -2.74 -1.97 -4.45
N LEU A 101 -3.37 -2.40 -3.37
CA LEU A 101 -2.67 -3.18 -2.36
C LEU A 101 -3.25 -4.57 -2.26
N LEU A 102 -2.51 -5.54 -2.81
CA LEU A 102 -2.85 -6.97 -2.75
C LEU A 102 -1.98 -7.73 -3.76
N SER A 103 -0.72 -7.34 -3.86
CA SER A 103 0.17 -7.90 -4.88
C SER A 103 1.65 -7.68 -4.56
N ASP A 104 2.05 -6.43 -4.37
CA ASP A 104 3.47 -6.08 -4.28
C ASP A 104 4.05 -6.43 -2.91
N GLU A 105 3.20 -6.52 -1.90
CA GLU A 105 3.64 -6.86 -0.55
C GLU A 105 3.97 -8.34 -0.44
N PHE A 106 3.22 -9.18 -1.17
CA PHE A 106 3.46 -10.61 -1.23
C PHE A 106 4.86 -10.90 -1.77
N LYS A 107 5.37 -9.96 -2.54
CA LYS A 107 6.71 -10.04 -3.11
C LYS A 107 7.77 -10.12 -2.00
N ALA A 108 7.53 -9.44 -0.89
CA ALA A 108 8.47 -9.45 0.23
C ALA A 108 7.98 -10.40 1.33
N GLY A 109 6.68 -10.71 1.32
CA GLY A 109 6.18 -11.81 2.12
C GLY A 109 5.44 -11.40 3.40
N LEU A 110 5.44 -10.13 3.73
CA LEU A 110 4.74 -9.70 4.93
C LEU A 110 3.46 -8.94 4.57
N HIS A 111 2.49 -8.98 5.48
CA HIS A 111 1.18 -8.38 5.25
C HIS A 111 1.29 -6.86 5.11
N ALA A 112 0.33 -6.27 4.41
CA ALA A 112 0.28 -4.83 4.20
C ALA A 112 -1.09 -4.30 4.58
N LEU A 113 -1.17 -2.99 4.81
CA LEU A 113 -2.44 -2.37 5.19
C LEU A 113 -2.80 -1.25 4.23
N SER A 114 -4.07 -1.18 3.85
CA SER A 114 -4.52 -0.19 2.88
C SER A 114 -5.71 0.59 3.42
N MET A 115 -5.64 1.91 3.35
CA MET A 115 -6.75 2.75 3.77
C MET A 115 -7.04 3.79 2.70
N THR A 116 -8.23 3.76 2.15
CA THR A 116 -8.62 4.70 1.12
C THR A 116 -9.94 5.37 1.47
N THR A 117 -9.90 6.65 1.76
CA THR A 117 -11.09 7.37 2.14
C THR A 117 -11.46 8.41 1.10
N LYS A 118 -12.74 8.43 0.75
CA LYS A 118 -13.30 9.40 -0.17
C LYS A 118 -14.55 10.02 0.46
N THR A 119 -14.94 11.19 -0.01
CA THR A 119 -16.19 11.82 0.38
C THR A 119 -17.37 10.90 0.09
N PRO A 120 -18.45 10.99 0.90
CA PRO A 120 -19.61 10.11 0.76
C PRO A 120 -20.44 10.42 -0.49
N ALA A 121 -21.47 9.63 -0.72
CA ALA A 121 -22.36 9.84 -1.85
C ALA A 121 -23.39 10.91 -1.50
N GLU A 122 -23.54 11.14 -0.20
CA GLU A 122 -24.41 12.19 0.30
C GLU A 122 -23.58 13.37 0.75
N GLN A 123 -23.59 14.45 -0.03
CA GLN A 123 -22.85 15.63 0.29
C GLN A 123 -23.68 16.87 -0.02
N MET A 24 -5.77 18.06 -11.00
CA MET A 24 -5.49 18.73 -9.72
C MET A 24 -4.03 18.55 -9.33
N ALA A 25 -3.63 17.32 -9.07
CA ALA A 25 -2.26 17.03 -8.68
C ALA A 25 -1.43 16.59 -9.87
N GLU A 26 -0.28 17.25 -10.07
CA GLU A 26 0.61 16.90 -11.17
C GLU A 26 2.06 16.93 -10.70
N HIS A 27 2.24 17.09 -9.40
CA HIS A 27 3.56 17.05 -8.78
C HIS A 27 3.65 15.84 -7.85
N GLN A 28 2.50 15.25 -7.56
CA GLN A 28 2.42 14.09 -6.70
C GLN A 28 2.61 12.81 -7.53
N LEU A 29 3.80 12.24 -7.42
CA LEU A 29 4.14 11.02 -8.16
C LEU A 29 4.69 9.96 -7.21
N GLY A 30 5.44 9.01 -7.76
CA GLY A 30 6.07 8.00 -6.92
C GLY A 30 6.32 6.70 -7.67
N PRO A 31 7.52 6.52 -8.23
CA PRO A 31 7.94 5.26 -8.86
C PRO A 31 8.84 4.41 -7.95
N ILE A 32 8.44 3.16 -7.71
CA ILE A 32 9.27 2.24 -6.92
C ILE A 32 8.81 0.79 -7.06
N ALA A 33 7.52 0.55 -6.92
CA ALA A 33 6.99 -0.81 -6.96
C ALA A 33 6.09 -1.01 -8.16
N GLY A 34 5.93 -2.26 -8.58
CA GLY A 34 5.07 -2.55 -9.72
C GLY A 34 3.63 -2.16 -9.46
N ALA A 35 3.16 -2.43 -8.26
CA ALA A 35 1.80 -2.10 -7.84
C ALA A 35 1.55 -0.59 -7.88
N ILE A 36 2.60 0.19 -7.69
CA ILE A 36 2.50 1.64 -7.59
C ILE A 36 1.93 2.25 -8.87
N LYS A 37 2.09 1.55 -9.99
CA LYS A 37 1.51 1.99 -11.25
C LYS A 37 0.01 2.29 -11.11
N SER A 38 -0.65 1.59 -10.20
CA SER A 38 -2.08 1.79 -9.95
C SER A 38 -2.37 3.18 -9.38
N LYS A 39 -1.58 3.61 -8.40
CA LYS A 39 -1.80 4.92 -7.77
C LYS A 39 -1.64 6.05 -8.78
N VAL A 40 -0.79 5.81 -9.78
CA VAL A 40 -0.42 6.82 -10.74
C VAL A 40 -1.62 7.37 -11.51
N GLU A 41 -2.53 6.51 -11.93
CA GLU A 41 -3.71 6.97 -12.67
C GLU A 41 -4.60 7.86 -11.79
N ALA A 42 -4.83 7.40 -10.56
CA ALA A 42 -5.64 8.12 -9.59
C ALA A 42 -4.99 9.43 -9.11
N ALA A 43 -3.68 9.51 -9.24
CA ALA A 43 -2.89 10.59 -8.61
C ALA A 43 -3.27 11.97 -9.11
N LEU A 44 -3.87 12.05 -10.29
CA LEU A 44 -4.27 13.34 -10.86
C LEU A 44 -5.47 13.91 -10.12
N SER A 45 -6.22 13.04 -9.47
CA SER A 45 -7.45 13.42 -8.79
C SER A 45 -7.18 13.77 -7.32
N PRO A 46 -8.16 14.38 -6.63
CA PRO A 46 -8.03 14.69 -5.19
C PRO A 46 -7.90 13.45 -4.33
N THR A 47 -6.66 13.04 -4.08
CA THR A 47 -6.37 11.86 -3.27
C THR A 47 -4.86 11.68 -3.14
N HIS A 48 -4.44 11.00 -2.10
CA HIS A 48 -3.01 10.75 -1.88
C HIS A 48 -2.77 9.27 -1.61
N PHE A 49 -1.88 8.68 -2.39
CA PHE A 49 -1.53 7.27 -2.22
C PHE A 49 -0.13 7.12 -1.68
N LYS A 50 -0.03 6.51 -0.52
CA LYS A 50 1.24 6.25 0.13
C LYS A 50 1.59 4.77 -0.01
N LEU A 51 2.63 4.48 -0.77
CA LEU A 51 3.07 3.11 -1.00
C LEU A 51 4.56 2.97 -0.72
N ILE A 52 4.90 2.10 0.22
CA ILE A 52 6.30 1.77 0.44
C ILE A 52 6.51 0.25 0.38
N ASN A 53 7.54 -0.16 -0.32
CA ASN A 53 7.89 -1.57 -0.41
C ASN A 53 9.33 -1.80 0.02
N ASP A 54 9.52 -2.57 1.08
CA ASP A 54 10.85 -2.90 1.57
C ASP A 54 11.35 -4.18 0.92
N SER A 55 10.42 -4.95 0.38
CA SER A 55 10.70 -6.27 -0.17
C SER A 55 11.25 -7.18 0.94
N HIS A 56 12.27 -7.97 0.63
CA HIS A 56 12.83 -8.90 1.61
C HIS A 56 14.30 -9.14 1.35
N LYS A 57 15.05 -9.35 2.44
CA LYS A 57 16.44 -9.73 2.35
C LYS A 57 16.55 -11.24 2.23
N HIS A 58 17.76 -11.75 2.04
CA HIS A 58 17.96 -13.20 1.95
C HIS A 58 18.43 -13.76 3.28
N ALA A 59 17.69 -14.71 3.82
CA ALA A 59 18.05 -15.33 5.08
C ALA A 59 18.98 -16.51 4.86
N GLY A 60 19.60 -16.97 5.93
CA GLY A 60 20.49 -18.12 5.84
C GLY A 60 19.94 -19.30 6.59
N HIS A 61 20.54 -20.47 6.39
CA HIS A 61 20.09 -21.69 7.04
C HIS A 61 20.68 -21.79 8.46
N TYR A 62 20.48 -20.72 9.23
CA TYR A 62 20.89 -20.68 10.61
C TYR A 62 20.04 -19.67 11.37
N ALA A 63 19.26 -20.16 12.32
CA ALA A 63 18.34 -19.32 13.07
C ALA A 63 19.01 -18.76 14.32
N ARG A 64 19.31 -17.47 14.30
CA ARG A 64 19.83 -16.79 15.46
C ARG A 64 19.52 -15.30 15.39
N ASP A 65 19.11 -14.74 16.52
CA ASP A 65 18.84 -13.30 16.66
C ASP A 65 17.54 -12.91 15.97
N GLY A 66 17.58 -12.80 14.66
CA GLY A 66 16.42 -12.37 13.91
C GLY A 66 16.11 -13.29 12.76
N SER A 67 14.91 -13.17 12.22
CA SER A 67 14.48 -14.01 11.12
C SER A 67 13.32 -13.37 10.38
N THR A 68 13.52 -13.08 9.10
CA THR A 68 12.50 -12.46 8.28
C THR A 68 11.38 -13.45 7.97
N ALA A 69 10.52 -13.67 8.95
CA ALA A 69 9.38 -14.56 8.80
C ALA A 69 8.32 -14.24 9.84
N SER A 70 8.59 -13.23 10.67
CA SER A 70 7.69 -12.86 11.75
C SER A 70 6.87 -11.65 11.36
N ASP A 71 6.93 -11.29 10.09
CA ASP A 71 6.26 -10.10 9.59
C ASP A 71 4.81 -10.40 9.23
N ALA A 72 4.07 -10.92 10.20
CA ALA A 72 2.68 -11.26 10.01
C ALA A 72 1.81 -10.01 10.08
N GLY A 73 2.17 -9.10 10.97
CA GLY A 73 1.43 -7.87 11.11
C GLY A 73 2.29 -6.64 10.86
N GLU A 74 3.60 -6.84 10.87
CA GLU A 74 4.55 -5.77 10.63
C GLU A 74 4.42 -5.22 9.21
N THR A 75 4.38 -6.15 8.24
CA THR A 75 4.24 -5.86 6.81
C THR A 75 5.47 -5.11 6.26
N HIS A 76 5.86 -5.42 5.02
CA HIS A 76 6.96 -4.72 4.37
C HIS A 76 6.46 -4.08 3.10
N PHE A 77 5.16 -4.07 2.95
CA PHE A 77 4.48 -3.41 1.86
C PHE A 77 3.15 -2.89 2.39
N ARG A 78 2.83 -1.65 2.08
CA ARG A 78 1.61 -1.05 2.54
C ARG A 78 1.09 -0.03 1.55
N LEU A 79 -0.21 -0.05 1.32
CA LEU A 79 -0.84 0.92 0.45
C LEU A 79 -1.85 1.71 1.25
N GLU A 80 -1.60 3.01 1.36
CA GLU A 80 -2.50 3.90 2.08
C GLU A 80 -3.05 4.96 1.14
N VAL A 81 -4.36 4.96 0.98
CA VAL A 81 -5.01 5.97 0.17
C VAL A 81 -5.81 6.92 1.04
N THR A 82 -5.39 8.16 1.05
CA THR A 82 -5.98 9.18 1.89
C THR A 82 -6.52 10.31 1.03
N SER A 83 -7.84 10.46 1.04
CA SER A 83 -8.48 11.58 0.37
C SER A 83 -9.11 12.50 1.39
N ASP A 84 -8.46 13.64 1.63
CA ASP A 84 -8.91 14.67 2.58
C ASP A 84 -8.78 14.17 4.03
N ALA A 85 -8.48 12.89 4.19
CA ALA A 85 -8.39 12.25 5.51
C ALA A 85 -9.69 12.47 6.28
N PHE A 86 -10.78 12.05 5.69
CA PHE A 86 -12.10 12.21 6.29
C PHE A 86 -12.98 11.07 5.83
N LYS A 87 -12.82 9.93 6.50
CA LYS A 87 -13.44 8.69 6.08
C LYS A 87 -14.93 8.70 6.37
N GLY A 88 -15.72 8.50 5.33
CA GLY A 88 -17.16 8.45 5.46
C GLY A 88 -17.77 7.32 4.67
N LEU A 89 -17.48 7.26 3.37
CA LEU A 89 -17.97 6.18 2.52
C LEU A 89 -17.16 4.91 2.74
N THR A 90 -17.72 3.78 2.33
CA THR A 90 -17.05 2.49 2.44
C THR A 90 -15.63 2.55 1.88
N LEU A 91 -14.70 1.99 2.63
CA LEU A 91 -13.28 2.08 2.32
C LEU A 91 -12.91 1.25 1.09
N VAL A 92 -13.71 0.22 0.81
CA VAL A 92 -13.37 -0.76 -0.22
C VAL A 92 -13.31 -0.17 -1.63
N LYS A 93 -14.01 0.94 -1.85
CA LYS A 93 -14.10 1.51 -3.19
C LYS A 93 -12.74 2.04 -3.67
N ARG A 94 -12.04 2.75 -2.81
CA ARG A 94 -10.72 3.27 -3.15
C ARG A 94 -9.76 2.13 -3.47
N HIS A 95 -9.89 1.06 -2.71
CA HIS A 95 -9.05 -0.12 -2.87
C HIS A 95 -9.32 -0.78 -4.23
N GLN A 96 -10.60 -0.82 -4.61
CA GLN A 96 -11.02 -1.45 -5.87
C GLN A 96 -10.50 -0.68 -7.09
N LEU A 97 -10.68 0.63 -7.05
CA LEU A 97 -10.44 1.48 -8.23
C LEU A 97 -8.98 1.45 -8.69
N ILE A 98 -8.06 1.16 -7.80
CA ILE A 98 -6.64 1.05 -8.17
C ILE A 98 -6.21 -0.41 -8.28
N TYR A 99 -6.72 -1.23 -7.36
CA TYR A 99 -6.35 -2.65 -7.26
C TYR A 99 -4.82 -2.81 -7.22
N GLY A 100 -4.18 -2.01 -6.38
CA GLY A 100 -2.74 -2.07 -6.27
C GLY A 100 -2.26 -3.16 -5.31
N LEU A 101 -3.01 -3.37 -4.23
CA LEU A 101 -2.64 -4.36 -3.23
C LEU A 101 -2.89 -5.76 -3.77
N LEU A 102 -2.32 -6.77 -3.10
CA LEU A 102 -2.47 -8.17 -3.49
C LEU A 102 -1.70 -8.43 -4.79
N SER A 103 -0.48 -7.91 -4.84
CA SER A 103 0.38 -8.07 -6.01
C SER A 103 1.85 -7.93 -5.63
N ASP A 104 2.27 -6.73 -5.27
CA ASP A 104 3.69 -6.41 -5.10
C ASP A 104 4.24 -6.90 -3.76
N GLU A 105 3.37 -7.11 -2.78
CA GLU A 105 3.80 -7.59 -1.48
C GLU A 105 4.25 -9.05 -1.56
N PHE A 106 3.68 -9.79 -2.51
CA PHE A 106 4.07 -11.18 -2.73
C PHE A 106 5.54 -11.24 -3.15
N LYS A 107 6.03 -10.14 -3.72
CA LYS A 107 7.44 -9.99 -4.08
C LYS A 107 8.31 -9.99 -2.82
N ALA A 108 7.71 -9.63 -1.70
CA ALA A 108 8.41 -9.60 -0.42
C ALA A 108 8.20 -10.92 0.33
N GLY A 109 6.97 -11.41 0.32
CA GLY A 109 6.68 -12.71 0.91
C GLY A 109 6.00 -12.60 2.26
N LEU A 110 5.89 -11.39 2.78
CA LEU A 110 5.18 -11.16 4.04
C LEU A 110 3.78 -10.60 3.78
N HIS A 111 3.08 -10.24 4.84
CA HIS A 111 1.73 -9.70 4.70
C HIS A 111 1.79 -8.21 4.38
N ALA A 112 0.66 -7.66 3.97
CA ALA A 112 0.57 -6.24 3.66
C ALA A 112 -0.66 -5.62 4.31
N LEU A 113 -0.60 -4.32 4.55
CA LEU A 113 -1.73 -3.60 5.12
C LEU A 113 -2.14 -2.49 4.20
N SER A 114 -3.44 -2.30 4.04
CA SER A 114 -3.95 -1.26 3.19
C SER A 114 -4.96 -0.40 3.96
N MET A 115 -4.60 0.86 4.17
CA MET A 115 -5.47 1.80 4.84
C MET A 115 -6.08 2.75 3.83
N THR A 116 -7.40 2.79 3.76
CA THR A 116 -8.08 3.61 2.78
C THR A 116 -9.10 4.52 3.43
N THR A 117 -8.80 5.82 3.41
CA THR A 117 -9.70 6.84 3.92
C THR A 117 -10.01 7.86 2.82
N LYS A 118 -11.29 8.12 2.62
CA LYS A 118 -11.74 9.09 1.63
C LYS A 118 -13.02 9.77 2.09
N THR A 119 -13.19 11.02 1.68
CA THR A 119 -14.42 11.77 1.90
C THR A 119 -15.64 11.02 1.37
N PRO A 120 -16.80 11.20 2.02
CA PRO A 120 -18.04 10.49 1.66
C PRO A 120 -18.58 10.87 0.28
N ALA A 121 -19.77 10.36 -0.04
CA ALA A 121 -20.38 10.61 -1.34
C ALA A 121 -21.08 11.96 -1.36
N GLU A 122 -21.17 12.59 -0.20
CA GLU A 122 -21.72 13.93 -0.08
C GLU A 122 -20.60 14.95 -0.27
N GLN A 123 -20.59 15.59 -1.42
CA GLN A 123 -19.55 16.54 -1.77
C GLN A 123 -19.89 17.92 -1.20
N MET A 24 -4.56 22.63 -7.02
CA MET A 24 -4.27 21.40 -6.24
C MET A 24 -3.84 20.27 -7.16
N ALA A 25 -2.56 19.96 -7.15
CA ALA A 25 -2.00 18.91 -7.98
C ALA A 25 -0.59 18.55 -7.52
N GLU A 26 -0.46 17.41 -6.85
CA GLU A 26 0.83 16.93 -6.40
C GLU A 26 1.25 15.72 -7.22
N HIS A 27 2.51 15.71 -7.65
CA HIS A 27 3.02 14.62 -8.47
C HIS A 27 3.81 13.64 -7.62
N GLN A 28 3.45 12.37 -7.72
CA GLN A 28 4.14 11.31 -7.00
C GLN A 28 4.55 10.20 -7.96
N LEU A 29 5.78 10.27 -8.45
CA LEU A 29 6.29 9.30 -9.42
C LEU A 29 7.51 8.58 -8.86
N GLY A 30 7.89 7.47 -9.49
CA GLY A 30 9.04 6.71 -9.04
C GLY A 30 8.70 5.26 -8.83
N PRO A 31 8.80 4.42 -9.87
CA PRO A 31 8.44 3.00 -9.80
C PRO A 31 9.40 2.20 -8.92
N ILE A 32 9.03 2.02 -7.65
CA ILE A 32 9.86 1.30 -6.71
C ILE A 32 9.44 -0.17 -6.58
N ALA A 33 8.21 -0.45 -6.99
CA ALA A 33 7.65 -1.80 -6.89
C ALA A 33 6.50 -1.99 -7.86
N GLY A 34 6.12 -3.23 -8.09
CA GLY A 34 5.03 -3.51 -9.02
C GLY A 34 3.72 -2.89 -8.61
N ALA A 35 3.44 -2.94 -7.30
CA ALA A 35 2.19 -2.41 -6.74
C ALA A 35 2.01 -0.91 -7.00
N ILE A 36 3.11 -0.19 -7.14
CA ILE A 36 3.06 1.26 -7.32
C ILE A 36 2.32 1.65 -8.59
N LYS A 37 2.26 0.75 -9.56
CA LYS A 37 1.50 0.98 -10.79
C LYS A 37 0.05 1.30 -10.47
N SER A 38 -0.47 0.73 -9.40
CA SER A 38 -1.85 0.92 -8.99
C SER A 38 -2.14 2.37 -8.61
N LYS A 39 -1.29 2.96 -7.76
CA LYS A 39 -1.49 4.33 -7.31
C LYS A 39 -1.46 5.30 -8.48
N VAL A 40 -0.74 4.93 -9.53
CA VAL A 40 -0.58 5.76 -10.72
C VAL A 40 -1.93 6.15 -11.34
N GLU A 41 -2.88 5.21 -11.38
CA GLU A 41 -4.18 5.48 -12.00
C GLU A 41 -4.92 6.59 -11.26
N ALA A 42 -4.69 6.65 -9.95
CA ALA A 42 -5.33 7.65 -9.10
C ALA A 42 -4.89 9.07 -9.44
N ALA A 43 -3.76 9.20 -10.14
CA ALA A 43 -3.15 10.50 -10.41
C ALA A 43 -4.08 11.42 -11.22
N LEU A 44 -5.06 10.83 -11.89
CA LEU A 44 -6.05 11.59 -12.63
C LEU A 44 -6.97 12.38 -11.69
N SER A 45 -6.82 12.16 -10.40
CA SER A 45 -7.58 12.88 -9.39
C SER A 45 -6.67 13.28 -8.23
N PRO A 46 -6.84 14.50 -7.69
CA PRO A 46 -6.01 15.00 -6.58
C PRO A 46 -6.15 14.13 -5.33
N THR A 47 -5.11 13.36 -5.05
CA THR A 47 -5.08 12.49 -3.88
C THR A 47 -3.63 12.19 -3.50
N HIS A 48 -3.44 11.60 -2.33
CA HIS A 48 -2.10 11.31 -1.84
C HIS A 48 -2.00 9.86 -1.40
N PHE A 49 -0.94 9.18 -1.82
CA PHE A 49 -0.71 7.81 -1.43
C PHE A 49 0.51 7.69 -0.54
N LYS A 50 0.35 7.03 0.59
CA LYS A 50 1.47 6.66 1.41
C LYS A 50 1.67 5.16 1.28
N LEU A 51 2.77 4.78 0.66
CA LEU A 51 3.06 3.37 0.41
C LEU A 51 4.43 3.02 0.93
N ILE A 52 4.48 2.09 1.86
CA ILE A 52 5.75 1.56 2.32
C ILE A 52 5.76 0.06 2.12
N ASN A 53 6.68 -0.40 1.29
CA ASN A 53 6.81 -1.80 0.99
C ASN A 53 8.22 -2.27 1.27
N ASP A 54 8.39 -2.92 2.40
CA ASP A 54 9.64 -3.59 2.67
C ASP A 54 9.49 -5.06 2.37
N SER A 55 9.58 -5.38 1.10
CA SER A 55 9.61 -6.76 0.68
C SER A 55 10.82 -7.40 1.33
N HIS A 56 10.60 -8.51 2.04
CA HIS A 56 11.68 -9.16 2.78
C HIS A 56 12.68 -9.74 1.80
N LYS A 57 13.62 -8.90 1.40
CA LYS A 57 14.57 -9.23 0.36
C LYS A 57 15.77 -9.96 0.91
N HIS A 58 16.48 -9.32 1.83
CA HIS A 58 17.66 -9.94 2.42
C HIS A 58 17.82 -9.49 3.86
N ALA A 59 18.04 -10.43 4.76
CA ALA A 59 18.19 -10.14 6.17
C ALA A 59 19.66 -10.21 6.57
N GLY A 60 20.41 -11.03 5.86
CA GLY A 60 21.83 -11.17 6.14
C GLY A 60 22.15 -12.51 6.78
N HIS A 61 23.17 -12.53 7.62
CA HIS A 61 23.54 -13.75 8.31
C HIS A 61 23.85 -13.47 9.77
N TYR A 62 23.03 -14.04 10.65
CA TYR A 62 23.28 -13.99 12.08
C TYR A 62 23.24 -15.41 12.62
N ALA A 63 22.17 -16.12 12.29
CA ALA A 63 22.04 -17.53 12.59
C ALA A 63 21.61 -18.27 11.33
N ARG A 64 22.44 -18.17 10.30
CA ARG A 64 22.14 -18.78 9.01
C ARG A 64 22.35 -20.28 9.08
N ASP A 65 21.28 -20.99 9.44
CA ASP A 65 21.29 -22.44 9.55
C ASP A 65 19.88 -22.91 9.88
N GLY A 66 19.10 -22.01 10.45
CA GLY A 66 17.70 -22.27 10.70
C GLY A 66 16.84 -21.09 10.29
N SER A 67 15.54 -21.31 10.23
CA SER A 67 14.61 -20.27 9.85
C SER A 67 13.44 -20.23 10.83
N THR A 68 12.77 -19.09 10.91
CA THR A 68 11.71 -18.89 11.88
C THR A 68 10.51 -18.13 11.28
N ALA A 69 10.79 -17.15 10.42
CA ALA A 69 9.76 -16.31 9.81
C ALA A 69 8.94 -15.59 10.87
N SER A 70 9.39 -14.39 11.23
CA SER A 70 8.72 -13.61 12.27
C SER A 70 7.73 -12.64 11.65
N ASP A 71 7.61 -12.69 10.34
CA ASP A 71 6.70 -11.81 9.61
C ASP A 71 5.27 -12.34 9.69
N ALA A 72 4.74 -12.39 10.91
CA ALA A 72 3.39 -12.86 11.15
C ALA A 72 2.42 -11.67 11.18
N GLY A 73 2.50 -10.89 12.24
CA GLY A 73 1.74 -9.66 12.34
C GLY A 73 2.64 -8.48 12.04
N GLU A 74 3.80 -8.81 11.49
CA GLU A 74 4.84 -7.85 11.15
C GLU A 74 4.31 -6.80 10.17
N THR A 75 3.65 -7.27 9.13
CA THR A 75 3.08 -6.42 8.07
C THR A 75 4.10 -5.36 7.59
N HIS A 76 4.97 -5.76 6.68
CA HIS A 76 6.04 -4.86 6.20
C HIS A 76 5.60 -4.12 4.95
N PHE A 77 4.34 -4.27 4.59
CA PHE A 77 3.77 -3.52 3.49
C PHE A 77 2.39 -3.00 3.91
N ARG A 78 2.14 -1.73 3.64
CA ARG A 78 0.84 -1.14 3.92
C ARG A 78 0.58 0.01 2.95
N LEU A 79 -0.67 0.16 2.53
CA LEU A 79 -1.03 1.19 1.57
C LEU A 79 -2.10 2.11 2.17
N GLU A 80 -1.82 3.41 2.15
CA GLU A 80 -2.80 4.40 2.56
C GLU A 80 -3.08 5.38 1.42
N VAL A 81 -4.32 5.47 1.00
CA VAL A 81 -4.72 6.48 0.04
C VAL A 81 -5.60 7.53 0.72
N THR A 82 -5.17 8.78 0.60
CA THR A 82 -5.81 9.88 1.28
C THR A 82 -6.35 10.90 0.28
N SER A 83 -7.65 11.02 0.23
CA SER A 83 -8.30 12.04 -0.57
C SER A 83 -8.96 13.06 0.35
N ASP A 84 -8.35 14.24 0.45
CA ASP A 84 -8.86 15.33 1.30
C ASP A 84 -8.68 15.04 2.78
N ALA A 85 -8.17 13.85 3.10
CA ALA A 85 -7.96 13.41 4.48
C ALA A 85 -9.28 13.35 5.24
N PHE A 86 -10.37 13.20 4.50
CA PHE A 86 -11.70 13.16 5.09
C PHE A 86 -12.46 11.97 4.55
N LYS A 87 -12.81 11.03 5.41
CA LYS A 87 -13.46 9.81 4.97
C LYS A 87 -14.98 9.94 5.08
N GLY A 88 -15.67 9.27 4.18
CA GLY A 88 -17.13 9.30 4.19
C GLY A 88 -17.71 8.20 3.33
N LEU A 89 -16.99 7.87 2.25
CA LEU A 89 -17.38 6.77 1.39
C LEU A 89 -16.76 5.47 1.88
N THR A 90 -17.33 4.36 1.44
CA THR A 90 -16.79 3.05 1.76
C THR A 90 -15.32 2.95 1.36
N LEU A 91 -14.47 2.59 2.30
CA LEU A 91 -13.04 2.59 2.07
C LEU A 91 -12.65 1.45 1.13
N VAL A 92 -13.46 0.39 1.13
CA VAL A 92 -13.23 -0.73 0.24
C VAL A 92 -13.43 -0.32 -1.22
N LYS A 93 -14.10 0.81 -1.43
CA LYS A 93 -14.40 1.30 -2.76
C LYS A 93 -13.13 1.78 -3.45
N ARG A 94 -12.25 2.43 -2.71
CA ARG A 94 -10.99 2.89 -3.29
C ARG A 94 -10.06 1.70 -3.52
N HIS A 95 -10.15 0.73 -2.62
CA HIS A 95 -9.36 -0.50 -2.74
C HIS A 95 -9.73 -1.22 -4.04
N GLN A 96 -11.02 -1.23 -4.34
CA GLN A 96 -11.55 -1.80 -5.57
C GLN A 96 -10.94 -1.10 -6.79
N LEU A 97 -10.78 0.21 -6.69
CA LEU A 97 -10.31 1.01 -7.81
C LEU A 97 -8.82 0.75 -8.09
N ILE A 98 -8.01 0.82 -7.04
CA ILE A 98 -6.56 0.76 -7.22
C ILE A 98 -6.03 -0.67 -7.27
N TYR A 99 -6.73 -1.60 -6.60
CA TYR A 99 -6.31 -3.01 -6.49
C TYR A 99 -4.80 -3.15 -6.20
N GLY A 100 -4.26 -2.21 -5.43
CA GLY A 100 -2.82 -2.15 -5.20
C GLY A 100 -2.35 -2.98 -4.02
N LEU A 101 -3.27 -3.68 -3.37
CA LEU A 101 -2.92 -4.48 -2.22
C LEU A 101 -3.17 -5.95 -2.52
N LEU A 102 -2.63 -6.83 -1.66
CA LEU A 102 -2.77 -8.28 -1.82
C LEU A 102 -2.03 -8.72 -3.09
N SER A 103 -0.72 -8.52 -3.05
CA SER A 103 0.15 -8.87 -4.18
C SER A 103 1.61 -9.02 -3.73
N ASP A 104 2.26 -7.89 -3.45
CA ASP A 104 3.70 -7.90 -3.20
C ASP A 104 4.04 -8.38 -1.80
N GLU A 105 3.15 -8.19 -0.85
CA GLU A 105 3.43 -8.60 0.52
C GLU A 105 3.69 -10.11 0.61
N PHE A 106 3.04 -10.86 -0.28
CA PHE A 106 3.25 -12.30 -0.33
C PHE A 106 4.62 -12.62 -0.91
N LYS A 107 5.10 -11.74 -1.76
CA LYS A 107 6.46 -11.82 -2.29
C LYS A 107 7.45 -11.46 -1.18
N ALA A 108 6.99 -10.62 -0.25
CA ALA A 108 7.76 -10.30 0.94
C ALA A 108 7.71 -11.45 1.95
N GLY A 109 6.58 -12.16 1.96
CA GLY A 109 6.41 -13.27 2.87
C GLY A 109 5.50 -12.96 4.03
N LEU A 110 4.99 -11.74 4.09
CA LEU A 110 4.01 -11.37 5.11
C LEU A 110 2.69 -10.94 4.47
N HIS A 111 1.79 -10.36 5.26
CA HIS A 111 0.54 -9.84 4.72
C HIS A 111 0.51 -8.33 4.88
N ALA A 112 -0.28 -7.66 4.04
CA ALA A 112 -0.36 -6.21 4.07
C ALA A 112 -1.76 -5.73 4.40
N LEU A 113 -1.87 -4.48 4.81
CA LEU A 113 -3.16 -3.87 5.11
C LEU A 113 -3.27 -2.52 4.42
N SER A 114 -4.48 -2.19 3.97
CA SER A 114 -4.70 -0.93 3.30
C SER A 114 -5.87 -0.17 3.93
N MET A 115 -5.58 0.97 4.52
CA MET A 115 -6.62 1.83 5.05
C MET A 115 -6.77 3.05 4.15
N THR A 116 -7.93 3.22 3.57
CA THR A 116 -8.15 4.28 2.61
C THR A 116 -9.07 5.34 3.18
N THR A 117 -8.70 6.59 2.99
CA THR A 117 -9.57 7.69 3.33
C THR A 117 -9.84 8.50 2.07
N LYS A 118 -11.11 8.54 1.66
CA LYS A 118 -11.50 9.17 0.41
C LYS A 118 -12.70 10.08 0.66
N THR A 119 -12.68 11.25 0.02
CA THR A 119 -13.74 12.24 0.17
C THR A 119 -15.10 11.67 -0.21
N PRO A 120 -16.10 11.80 0.67
CA PRO A 120 -17.46 11.37 0.40
C PRO A 120 -18.12 12.22 -0.69
N ALA A 121 -19.28 11.77 -1.14
CA ALA A 121 -20.03 12.51 -2.15
C ALA A 121 -20.81 13.63 -1.50
N GLU A 122 -20.80 13.63 -0.17
CA GLU A 122 -21.47 14.65 0.61
C GLU A 122 -20.44 15.52 1.33
N GLN A 123 -20.24 16.72 0.84
CA GLN A 123 -19.26 17.61 1.41
C GLN A 123 -19.91 18.92 1.84
N MET A 24 -0.21 24.59 -10.34
CA MET A 24 0.81 23.53 -10.37
C MET A 24 0.21 22.20 -9.93
N ALA A 25 0.69 21.12 -10.52
CA ALA A 25 0.28 19.77 -10.14
C ALA A 25 1.51 18.89 -10.02
N GLU A 26 2.64 19.56 -9.81
CA GLU A 26 3.93 18.89 -9.69
C GLU A 26 4.08 18.33 -8.27
N HIS A 27 5.32 18.17 -7.82
CA HIS A 27 5.60 17.71 -6.47
C HIS A 27 5.16 16.25 -6.31
N GLN A 28 5.43 15.47 -7.36
CA GLN A 28 5.01 14.08 -7.43
C GLN A 28 5.93 13.18 -6.60
N LEU A 29 5.76 11.87 -6.75
CA LEU A 29 6.54 10.90 -6.01
C LEU A 29 7.37 10.04 -6.97
N GLY A 30 8.41 9.42 -6.44
CA GLY A 30 9.25 8.58 -7.27
C GLY A 30 8.71 7.17 -7.42
N PRO A 31 9.22 6.41 -8.40
CA PRO A 31 8.76 5.04 -8.66
C PRO A 31 9.14 4.07 -7.54
N ILE A 32 8.29 3.07 -7.34
CA ILE A 32 8.48 2.09 -6.26
C ILE A 32 8.50 0.68 -6.86
N ALA A 33 8.09 -0.31 -6.07
CA ALA A 33 8.00 -1.69 -6.55
C ALA A 33 6.85 -1.86 -7.53
N GLY A 34 6.70 -3.06 -8.09
CA GLY A 34 5.71 -3.33 -9.12
C GLY A 34 4.29 -2.95 -8.72
N ALA A 35 4.02 -2.99 -7.41
CA ALA A 35 2.71 -2.62 -6.87
C ALA A 35 2.30 -1.19 -7.27
N ILE A 36 3.30 -0.35 -7.55
CA ILE A 36 3.05 1.05 -7.89
C ILE A 36 2.09 1.19 -9.08
N LYS A 37 2.07 0.17 -9.95
CA LYS A 37 1.24 0.21 -11.15
C LYS A 37 -0.22 0.46 -10.80
N SER A 38 -0.69 -0.18 -9.74
CA SER A 38 -2.07 -0.04 -9.30
C SER A 38 -2.39 1.40 -8.87
N LYS A 39 -1.54 1.96 -8.00
CA LYS A 39 -1.76 3.32 -7.50
C LYS A 39 -1.71 4.36 -8.62
N VAL A 40 -0.93 4.07 -9.66
CA VAL A 40 -0.83 4.96 -10.82
C VAL A 40 -2.19 5.12 -11.51
N GLU A 41 -2.92 4.01 -11.64
CA GLU A 41 -4.25 4.05 -12.25
C GLU A 41 -5.18 4.93 -11.42
N ALA A 42 -5.10 4.78 -10.10
CA ALA A 42 -5.94 5.53 -9.17
C ALA A 42 -5.65 7.03 -9.20
N ALA A 43 -4.48 7.40 -9.71
CA ALA A 43 -4.02 8.80 -9.71
C ALA A 43 -4.96 9.71 -10.51
N LEU A 44 -5.76 9.13 -11.39
CA LEU A 44 -6.72 9.91 -12.17
C LEU A 44 -7.86 10.42 -11.29
N SER A 45 -7.98 9.87 -10.09
CA SER A 45 -8.98 10.32 -9.14
C SER A 45 -8.36 11.25 -8.10
N PRO A 46 -9.13 12.23 -7.59
CA PRO A 46 -8.66 13.15 -6.56
C PRO A 46 -8.39 12.45 -5.23
N THR A 47 -7.12 12.15 -4.98
CA THR A 47 -6.71 11.46 -3.76
C THR A 47 -5.18 11.34 -3.74
N HIS A 48 -4.63 10.90 -2.62
CA HIS A 48 -3.19 10.74 -2.49
C HIS A 48 -2.87 9.35 -1.96
N PHE A 49 -1.98 8.64 -2.65
CA PHE A 49 -1.64 7.26 -2.30
C PHE A 49 -0.26 7.16 -1.70
N LYS A 50 -0.20 6.67 -0.47
CA LYS A 50 1.07 6.39 0.20
C LYS A 50 1.29 4.89 0.19
N LEU A 51 2.33 4.47 -0.51
CA LEU A 51 2.68 3.06 -0.60
C LEU A 51 4.15 2.87 -0.25
N ILE A 52 4.43 2.09 0.77
CA ILE A 52 5.81 1.79 1.09
C ILE A 52 6.03 0.28 1.02
N ASN A 53 7.01 -0.12 0.22
CA ASN A 53 7.36 -1.52 0.07
C ASN A 53 8.83 -1.73 0.37
N ASP A 54 9.11 -2.44 1.44
CA ASP A 54 10.49 -2.75 1.78
C ASP A 54 10.70 -4.25 1.74
N SER A 55 10.84 -4.77 0.53
CA SER A 55 11.24 -6.16 0.33
C SER A 55 12.56 -6.43 1.04
N HIS A 56 12.55 -7.31 2.03
CA HIS A 56 13.78 -7.64 2.74
C HIS A 56 14.65 -8.53 1.86
N LYS A 57 15.76 -7.96 1.41
CA LYS A 57 16.62 -8.63 0.45
C LYS A 57 17.64 -9.53 1.13
N HIS A 58 17.95 -9.25 2.38
CA HIS A 58 18.95 -10.00 3.11
C HIS A 58 18.57 -10.19 4.58
N ALA A 59 18.51 -11.44 5.00
CA ALA A 59 18.35 -11.77 6.41
C ALA A 59 19.71 -12.16 6.98
N GLY A 60 19.92 -11.92 8.26
CA GLY A 60 21.23 -12.15 8.84
C GLY A 60 21.18 -12.87 10.17
N HIS A 61 21.93 -12.33 11.12
CA HIS A 61 22.15 -12.96 12.41
C HIS A 61 20.87 -12.97 13.25
N TYR A 62 19.96 -12.06 12.92
CA TYR A 62 18.74 -11.90 13.68
C TYR A 62 17.65 -12.86 13.21
N ALA A 63 18.08 -13.96 12.58
CA ALA A 63 17.16 -15.02 12.21
C ALA A 63 16.98 -15.98 13.38
N ARG A 64 16.31 -17.11 13.15
CA ARG A 64 16.08 -18.05 14.22
C ARG A 64 16.60 -19.45 13.87
N ASP A 65 16.08 -20.01 12.79
CA ASP A 65 16.43 -21.38 12.41
C ASP A 65 16.24 -21.59 10.91
N GLY A 66 15.01 -21.84 10.50
CA GLY A 66 14.74 -22.07 9.10
C GLY A 66 13.35 -21.62 8.72
N SER A 67 13.16 -20.31 8.69
CA SER A 67 11.86 -19.74 8.37
C SER A 67 11.76 -19.42 6.88
N THR A 68 10.55 -19.46 6.36
CA THR A 68 10.30 -19.16 4.96
C THR A 68 10.17 -17.66 4.74
N ALA A 69 10.58 -16.89 5.76
CA ALA A 69 10.47 -15.43 5.76
C ALA A 69 9.01 -15.00 5.74
N SER A 70 8.54 -14.51 6.88
CA SER A 70 7.17 -14.04 7.00
C SER A 70 7.13 -12.81 7.91
N ASP A 71 5.93 -12.36 8.23
CA ASP A 71 5.77 -11.18 9.05
C ASP A 71 4.62 -11.35 10.03
N ALA A 72 3.40 -11.05 9.56
CA ALA A 72 2.19 -11.16 10.37
C ALA A 72 2.31 -10.31 11.64
N GLY A 73 3.04 -9.21 11.54
CA GLY A 73 3.28 -8.38 12.70
C GLY A 73 3.48 -6.93 12.36
N GLU A 74 4.56 -6.62 11.65
CA GLU A 74 4.93 -5.24 11.40
C GLU A 74 4.38 -4.74 10.07
N THR A 75 4.21 -5.67 9.13
CA THR A 75 3.81 -5.37 7.76
C THR A 75 4.74 -4.33 7.11
N HIS A 76 5.68 -4.82 6.31
CA HIS A 76 6.71 -3.95 5.74
C HIS A 76 6.26 -3.39 4.40
N PHE A 77 5.01 -3.70 4.06
CA PHE A 77 4.33 -3.11 2.93
C PHE A 77 3.03 -2.52 3.45
N ARG A 78 2.69 -1.30 3.05
CA ARG A 78 1.44 -0.70 3.48
C ARG A 78 0.87 0.21 2.41
N LEU A 79 -0.45 0.19 2.28
CA LEU A 79 -1.15 1.01 1.31
C LEU A 79 -2.07 1.97 2.05
N GLU A 80 -1.84 3.26 1.90
CA GLU A 80 -2.64 4.26 2.58
C GLU A 80 -3.13 5.30 1.58
N VAL A 81 -4.41 5.61 1.61
CA VAL A 81 -4.96 6.63 0.74
C VAL A 81 -5.80 7.62 1.54
N THR A 82 -5.65 8.88 1.23
CA THR A 82 -6.45 9.91 1.82
C THR A 82 -7.20 10.67 0.74
N SER A 83 -8.51 10.52 0.74
CA SER A 83 -9.37 11.24 -0.17
C SER A 83 -10.31 12.11 0.66
N ASP A 84 -10.32 13.41 0.38
CA ASP A 84 -11.21 14.35 1.08
C ASP A 84 -10.72 14.63 2.50
N ALA A 85 -9.72 13.88 2.94
CA ALA A 85 -9.05 14.09 4.24
C ALA A 85 -9.93 13.72 5.43
N PHE A 86 -10.98 12.94 5.20
CA PHE A 86 -11.86 12.51 6.27
C PHE A 86 -12.23 11.05 6.05
N LYS A 87 -12.52 10.36 7.12
CA LYS A 87 -12.99 8.99 7.01
C LYS A 87 -14.50 8.96 7.17
N GLY A 88 -15.19 8.41 6.18
CA GLY A 88 -16.64 8.33 6.26
C GLY A 88 -17.20 7.09 5.58
N LEU A 89 -16.68 6.77 4.41
CA LEU A 89 -17.15 5.61 3.67
C LEU A 89 -16.35 4.37 4.04
N THR A 90 -16.91 3.20 3.75
CA THR A 90 -16.22 1.94 3.97
C THR A 90 -14.90 1.91 3.21
N LEU A 91 -13.82 1.73 3.95
CA LEU A 91 -12.48 1.89 3.39
C LEU A 91 -12.12 0.75 2.44
N VAL A 92 -12.76 -0.40 2.62
CA VAL A 92 -12.50 -1.56 1.75
C VAL A 92 -12.76 -1.23 0.28
N LYS A 93 -13.62 -0.24 0.05
CA LYS A 93 -13.95 0.20 -1.30
C LYS A 93 -12.71 0.75 -2.02
N ARG A 94 -11.91 1.52 -1.29
CA ARG A 94 -10.70 2.13 -1.85
C ARG A 94 -9.68 1.04 -2.22
N HIS A 95 -9.56 0.03 -1.36
CA HIS A 95 -8.63 -1.08 -1.59
C HIS A 95 -9.07 -1.89 -2.82
N GLN A 96 -10.38 -2.05 -2.98
CA GLN A 96 -10.93 -2.83 -4.08
C GLN A 96 -10.58 -2.21 -5.43
N LEU A 97 -10.57 -0.87 -5.48
CA LEU A 97 -10.37 -0.16 -6.74
C LEU A 97 -8.99 -0.43 -7.33
N ILE A 98 -7.97 -0.51 -6.49
CA ILE A 98 -6.61 -0.69 -6.97
C ILE A 98 -6.16 -2.13 -6.89
N TYR A 99 -6.69 -2.88 -5.91
CA TYR A 99 -6.35 -4.29 -5.65
C TYR A 99 -4.83 -4.55 -5.67
N GLY A 100 -4.04 -3.50 -5.48
CA GLY A 100 -2.59 -3.63 -5.57
C GLY A 100 -2.00 -4.31 -4.34
N LEU A 101 -2.54 -4.00 -3.17
CA LEU A 101 -2.03 -4.59 -1.94
C LEU A 101 -2.61 -5.98 -1.75
N LEU A 102 -1.82 -6.97 -2.18
CA LEU A 102 -2.12 -8.40 -2.05
C LEU A 102 -1.19 -9.20 -2.96
N SER A 103 -0.04 -8.63 -3.29
CA SER A 103 0.81 -9.21 -4.33
C SER A 103 2.30 -9.18 -3.96
N ASP A 104 2.90 -8.01 -4.07
CA ASP A 104 4.35 -7.88 -3.95
C ASP A 104 4.84 -8.17 -2.53
N GLU A 105 3.93 -8.09 -1.56
CA GLU A 105 4.30 -8.33 -0.16
C GLU A 105 4.82 -9.77 0.00
N PHE A 106 4.23 -10.69 -0.77
CA PHE A 106 4.63 -12.09 -0.75
C PHE A 106 6.02 -12.25 -1.33
N LYS A 107 6.29 -11.50 -2.39
CA LYS A 107 7.61 -11.49 -3.01
C LYS A 107 8.63 -10.91 -2.03
N ALA A 108 8.19 -9.94 -1.25
CA ALA A 108 9.05 -9.28 -0.27
C ALA A 108 9.28 -10.16 0.94
N GLY A 109 8.33 -11.06 1.20
CA GLY A 109 8.48 -12.00 2.30
C GLY A 109 7.77 -11.55 3.57
N LEU A 110 7.02 -10.47 3.48
CA LEU A 110 6.24 -9.98 4.61
C LEU A 110 4.77 -9.93 4.26
N HIS A 111 3.98 -9.26 5.09
CA HIS A 111 2.57 -9.04 4.81
C HIS A 111 2.30 -7.55 4.75
N ALA A 112 1.17 -7.18 4.17
CA ALA A 112 0.83 -5.77 4.04
C ALA A 112 -0.52 -5.44 4.69
N LEU A 113 -0.74 -4.16 4.94
CA LEU A 113 -2.02 -3.66 5.43
C LEU A 113 -2.38 -2.37 4.72
N SER A 114 -3.66 -2.08 4.60
CA SER A 114 -4.10 -0.87 3.93
C SER A 114 -4.96 -0.02 4.87
N MET A 115 -4.70 1.28 4.87
CA MET A 115 -5.54 2.22 5.58
C MET A 115 -5.96 3.31 4.60
N THR A 116 -7.25 3.42 4.35
CA THR A 116 -7.73 4.35 3.35
C THR A 116 -8.83 5.22 3.93
N THR A 117 -8.61 6.52 3.91
CA THR A 117 -9.59 7.45 4.41
C THR A 117 -10.20 8.23 3.24
N LYS A 118 -11.53 8.18 3.15
CA LYS A 118 -12.28 9.02 2.20
C LYS A 118 -13.66 9.35 2.76
N THR A 119 -14.09 10.58 2.52
CA THR A 119 -15.44 11.01 2.81
C THR A 119 -16.42 10.34 1.84
N PRO A 120 -17.60 9.90 2.32
CA PRO A 120 -18.58 9.19 1.49
C PRO A 120 -18.91 9.95 0.21
N ALA A 121 -18.87 9.23 -0.91
CA ALA A 121 -19.18 9.83 -2.20
C ALA A 121 -20.69 9.87 -2.39
N GLU A 122 -21.40 9.23 -1.48
CA GLU A 122 -22.84 9.26 -1.44
C GLU A 122 -23.31 10.27 -0.41
N GLN A 123 -23.70 11.45 -0.87
CA GLN A 123 -24.12 12.52 0.02
C GLN A 123 -25.37 13.20 -0.53
N MET A 24 3.21 20.12 -5.68
CA MET A 24 3.92 18.93 -6.17
C MET A 24 4.62 18.23 -5.01
N ALA A 25 4.61 16.91 -5.04
CA ALA A 25 5.22 16.09 -4.00
C ALA A 25 5.28 14.65 -4.46
N GLU A 26 4.10 14.08 -4.69
CA GLU A 26 3.97 12.72 -5.22
C GLU A 26 4.62 11.69 -4.30
N HIS A 27 4.88 10.51 -4.85
CA HIS A 27 5.55 9.45 -4.11
C HIS A 27 6.53 8.74 -5.03
N GLN A 28 7.59 8.21 -4.45
CA GLN A 28 8.66 7.61 -5.24
C GLN A 28 8.46 6.11 -5.42
N LEU A 29 9.29 5.50 -6.25
CA LEU A 29 9.22 4.07 -6.49
C LEU A 29 9.88 3.31 -5.33
N GLY A 30 11.19 3.46 -5.20
CA GLY A 30 11.91 2.82 -4.12
C GLY A 30 11.85 1.30 -4.21
N PRO A 31 11.57 0.63 -3.08
CA PRO A 31 11.51 -0.83 -3.02
C PRO A 31 10.15 -1.38 -3.47
N ILE A 32 9.34 -0.54 -4.09
CA ILE A 32 8.05 -0.97 -4.60
C ILE A 32 8.21 -1.46 -6.04
N ALA A 33 7.47 -2.52 -6.41
CA ALA A 33 7.61 -3.11 -7.73
C ALA A 33 6.33 -2.99 -8.55
N GLY A 34 5.51 -4.04 -8.54
CA GLY A 34 4.30 -4.06 -9.36
C GLY A 34 3.31 -2.98 -8.98
N ALA A 35 3.30 -2.61 -7.71
CA ALA A 35 2.33 -1.66 -7.19
C ALA A 35 2.44 -0.29 -7.87
N ILE A 36 3.61 0.03 -8.40
CA ILE A 36 3.83 1.34 -9.02
C ILE A 36 2.89 1.58 -10.20
N LYS A 37 2.44 0.49 -10.83
CA LYS A 37 1.53 0.61 -11.97
C LYS A 37 0.12 0.92 -11.47
N SER A 38 -0.26 0.27 -10.37
CA SER A 38 -1.59 0.43 -9.80
C SER A 38 -1.82 1.85 -9.26
N LYS A 39 -0.93 2.30 -8.39
CA LYS A 39 -1.13 3.55 -7.64
C LYS A 39 -1.24 4.78 -8.56
N VAL A 40 -0.58 4.75 -9.72
CA VAL A 40 -0.54 5.90 -10.61
C VAL A 40 -1.91 6.30 -11.14
N GLU A 41 -2.75 5.32 -11.46
CA GLU A 41 -4.03 5.60 -12.10
C GLU A 41 -4.93 6.45 -11.21
N ALA A 42 -4.73 6.35 -9.90
CA ALA A 42 -5.53 7.09 -8.93
C ALA A 42 -5.38 8.60 -9.13
N ALA A 43 -4.21 9.00 -9.61
CA ALA A 43 -3.90 10.41 -9.82
C ALA A 43 -4.81 11.06 -10.85
N LEU A 44 -5.43 10.23 -11.70
CA LEU A 44 -6.31 10.73 -12.76
C LEU A 44 -7.61 11.28 -12.19
N SER A 45 -7.79 11.14 -10.88
CA SER A 45 -8.96 11.69 -10.21
C SER A 45 -8.52 12.33 -8.89
N PRO A 46 -9.25 13.35 -8.41
CA PRO A 46 -8.91 14.06 -7.16
C PRO A 46 -8.72 13.11 -5.98
N THR A 47 -7.49 12.98 -5.52
CA THR A 47 -7.17 12.11 -4.40
C THR A 47 -5.67 12.20 -4.05
N HIS A 48 -5.32 11.56 -2.96
CA HIS A 48 -3.94 11.45 -2.53
C HIS A 48 -3.64 9.98 -2.26
N PHE A 49 -2.60 9.45 -2.92
CA PHE A 49 -2.29 8.03 -2.80
C PHE A 49 -0.95 7.82 -2.13
N LYS A 50 -0.94 6.94 -1.13
CA LYS A 50 0.28 6.59 -0.43
C LYS A 50 0.41 5.06 -0.39
N LEU A 51 1.42 4.54 -1.07
CA LEU A 51 1.72 3.12 -1.00
C LEU A 51 3.19 2.93 -0.65
N ILE A 52 3.46 2.33 0.51
CA ILE A 52 4.84 1.98 0.88
C ILE A 52 4.92 0.53 1.35
N ASN A 53 5.95 -0.18 0.91
CA ASN A 53 6.29 -1.47 1.50
C ASN A 53 7.74 -1.49 1.92
N ASP A 54 7.95 -1.77 3.20
CA ASP A 54 9.30 -1.91 3.77
C ASP A 54 10.05 -3.06 3.09
N SER A 55 9.28 -4.10 2.73
CA SER A 55 9.82 -5.26 2.03
C SER A 55 10.85 -6.02 2.88
N HIS A 56 11.63 -6.89 2.25
CA HIS A 56 12.66 -7.63 2.93
C HIS A 56 13.93 -7.65 2.09
N LYS A 57 15.07 -7.52 2.74
CA LYS A 57 16.35 -7.60 2.05
C LYS A 57 16.91 -9.00 2.17
N HIS A 58 18.06 -9.25 1.55
CA HIS A 58 18.64 -10.59 1.57
C HIS A 58 19.71 -10.71 2.63
N ALA A 59 19.51 -11.66 3.53
CA ALA A 59 20.49 -11.95 4.55
C ALA A 59 21.34 -13.14 4.15
N GLY A 60 22.34 -12.87 3.31
CA GLY A 60 23.26 -13.91 2.90
C GLY A 60 24.56 -13.83 3.66
N HIS A 61 25.10 -12.62 3.74
CA HIS A 61 26.32 -12.37 4.48
C HIS A 61 26.05 -12.50 5.97
N TYR A 62 24.81 -12.31 6.36
CA TYR A 62 24.40 -12.49 7.73
C TYR A 62 23.69 -13.83 7.88
N ALA A 63 24.42 -14.84 8.32
CA ALA A 63 23.88 -16.19 8.42
C ALA A 63 23.12 -16.38 9.73
N ARG A 64 21.84 -16.07 9.70
CA ARG A 64 20.97 -16.28 10.85
C ARG A 64 20.39 -17.69 10.81
N ASP A 65 20.57 -18.45 11.87
CA ASP A 65 20.10 -19.83 11.92
C ASP A 65 18.82 -19.92 12.75
N GLY A 66 18.80 -19.20 13.87
CA GLY A 66 17.64 -19.22 14.75
C GLY A 66 16.54 -18.30 14.27
N SER A 67 16.06 -18.54 13.07
CA SER A 67 15.00 -17.73 12.48
C SER A 67 14.18 -18.55 11.48
N THR A 68 12.88 -18.53 11.66
CA THR A 68 11.98 -19.23 10.76
C THR A 68 11.47 -18.27 9.69
N ALA A 69 11.51 -16.98 10.03
CA ALA A 69 11.09 -15.90 9.13
C ALA A 69 9.60 -15.99 8.80
N SER A 70 8.78 -15.50 9.71
CA SER A 70 7.34 -15.48 9.51
C SER A 70 6.74 -14.38 10.36
N ASP A 71 6.50 -13.23 9.75
CA ASP A 71 5.88 -12.12 10.43
C ASP A 71 4.48 -11.89 9.90
N ALA A 72 3.52 -12.54 10.54
CA ALA A 72 2.14 -12.49 10.11
C ALA A 72 1.41 -11.32 10.75
N GLY A 73 1.79 -11.01 11.97
CA GLY A 73 1.21 -9.87 12.67
C GLY A 73 2.01 -8.61 12.43
N GLU A 74 2.67 -8.55 11.28
CA GLU A 74 3.53 -7.44 10.94
C GLU A 74 3.13 -6.86 9.59
N THR A 75 2.47 -5.72 9.62
CA THR A 75 2.10 -5.01 8.41
C THR A 75 3.16 -3.99 8.02
N HIS A 76 3.96 -4.29 7.00
CA HIS A 76 4.97 -3.36 6.51
C HIS A 76 4.66 -2.88 5.10
N PHE A 77 3.52 -3.32 4.58
CA PHE A 77 2.97 -2.76 3.37
C PHE A 77 1.69 -2.03 3.73
N ARG A 78 1.49 -0.84 3.21
CA ARG A 78 0.28 -0.11 3.49
C ARG A 78 -0.14 0.71 2.29
N LEU A 79 -1.38 0.50 1.87
CA LEU A 79 -1.97 1.27 0.79
C LEU A 79 -3.03 2.19 1.38
N GLU A 80 -2.81 3.48 1.25
CA GLU A 80 -3.73 4.46 1.81
C GLU A 80 -4.11 5.49 0.76
N VAL A 81 -5.40 5.55 0.47
CA VAL A 81 -5.91 6.51 -0.50
C VAL A 81 -6.87 7.48 0.19
N THR A 82 -6.51 8.75 0.13
CA THR A 82 -7.29 9.79 0.76
C THR A 82 -7.79 10.78 -0.29
N SER A 83 -9.09 10.83 -0.51
CA SER A 83 -9.64 11.77 -1.46
C SER A 83 -10.27 12.95 -0.73
N ASP A 84 -9.57 14.08 -0.75
CA ASP A 84 -10.01 15.34 -0.14
C ASP A 84 -9.99 15.28 1.40
N ALA A 85 -9.72 14.09 1.93
CA ALA A 85 -9.59 13.87 3.38
C ALA A 85 -10.89 14.16 4.12
N PHE A 86 -11.87 13.27 3.95
CA PHE A 86 -13.17 13.38 4.59
C PHE A 86 -14.05 12.21 4.20
N LYS A 87 -14.15 11.22 5.07
CA LYS A 87 -14.99 10.06 4.81
C LYS A 87 -16.45 10.45 4.63
N GLY A 88 -17.12 9.81 3.68
CA GLY A 88 -18.52 10.09 3.45
C GLY A 88 -19.23 8.95 2.75
N LEU A 89 -18.67 8.50 1.63
CA LEU A 89 -19.26 7.42 0.87
C LEU A 89 -18.51 6.12 1.13
N THR A 90 -19.14 5.00 0.78
CA THR A 90 -18.54 3.67 0.93
C THR A 90 -17.06 3.68 0.53
N LEU A 91 -16.22 3.42 1.52
CA LEU A 91 -14.78 3.55 1.38
C LEU A 91 -14.19 2.49 0.45
N VAL A 92 -14.86 1.36 0.33
CA VAL A 92 -14.33 0.23 -0.43
C VAL A 92 -14.23 0.55 -1.92
N LYS A 93 -14.95 1.58 -2.36
CA LYS A 93 -14.97 1.96 -3.76
C LYS A 93 -13.57 2.41 -4.22
N ARG A 94 -12.91 3.20 -3.39
CA ARG A 94 -11.54 3.66 -3.69
C ARG A 94 -10.55 2.51 -3.61
N HIS A 95 -10.77 1.62 -2.65
CA HIS A 95 -9.89 0.49 -2.43
C HIS A 95 -9.90 -0.48 -3.63
N GLN A 96 -11.09 -0.80 -4.10
CA GLN A 96 -11.25 -1.83 -5.13
C GLN A 96 -10.69 -1.39 -6.47
N LEU A 97 -10.74 -0.10 -6.75
CA LEU A 97 -10.30 0.46 -8.03
C LEU A 97 -8.87 0.03 -8.37
N ILE A 98 -7.96 0.18 -7.42
CA ILE A 98 -6.54 -0.08 -7.67
C ILE A 98 -6.13 -1.48 -7.21
N TYR A 99 -6.83 -2.01 -6.19
CA TYR A 99 -6.56 -3.34 -5.63
C TYR A 99 -5.07 -3.67 -5.52
N GLY A 100 -4.30 -2.75 -4.97
CA GLY A 100 -2.86 -2.95 -4.86
C GLY A 100 -2.46 -3.86 -3.71
N LEU A 101 -3.44 -4.21 -2.87
CA LEU A 101 -3.19 -5.05 -1.70
C LEU A 101 -2.97 -6.49 -2.13
N LEU A 102 -2.30 -7.27 -1.27
CA LEU A 102 -2.03 -8.69 -1.51
C LEU A 102 -1.19 -8.90 -2.77
N SER A 103 -0.62 -7.83 -3.29
CA SER A 103 0.18 -7.91 -4.50
C SER A 103 1.64 -7.61 -4.21
N ASP A 104 1.97 -6.32 -4.07
CA ASP A 104 3.36 -5.92 -3.79
C ASP A 104 3.71 -6.27 -2.35
N GLU A 105 2.68 -6.43 -1.54
CA GLU A 105 2.81 -6.90 -0.17
C GLU A 105 3.51 -8.26 -0.12
N PHE A 106 3.15 -9.12 -1.06
CA PHE A 106 3.71 -10.46 -1.14
C PHE A 106 5.22 -10.40 -1.41
N LYS A 107 5.66 -9.31 -2.04
CA LYS A 107 7.07 -9.12 -2.32
C LYS A 107 7.83 -8.79 -1.04
N ALA A 108 7.10 -8.34 -0.03
CA ALA A 108 7.70 -7.98 1.24
C ALA A 108 7.84 -9.21 2.15
N GLY A 109 6.82 -10.06 2.14
CA GLY A 109 6.84 -11.28 2.93
C GLY A 109 6.05 -11.15 4.22
N LEU A 110 5.60 -9.93 4.49
CA LEU A 110 4.77 -9.66 5.64
C LEU A 110 3.37 -9.23 5.20
N HIS A 111 2.57 -8.71 6.12
CA HIS A 111 1.20 -8.37 5.79
C HIS A 111 1.01 -6.87 5.59
N ALA A 112 -0.22 -6.49 5.25
CA ALA A 112 -0.51 -5.13 4.83
C ALA A 112 -1.80 -4.60 5.44
N LEU A 113 -1.93 -3.29 5.43
CA LEU A 113 -3.17 -2.63 5.84
C LEU A 113 -3.58 -1.63 4.78
N SER A 114 -4.89 -1.42 4.64
CA SER A 114 -5.40 -0.51 3.63
C SER A 114 -6.34 0.51 4.25
N MET A 115 -5.96 1.77 4.20
CA MET A 115 -6.83 2.85 4.65
C MET A 115 -7.36 3.60 3.43
N THR A 116 -8.67 3.62 3.29
CA THR A 116 -9.28 4.27 2.14
C THR A 116 -10.35 5.27 2.58
N THR A 117 -10.05 6.54 2.40
CA THR A 117 -10.99 7.60 2.71
C THR A 117 -11.22 8.48 1.49
N LYS A 118 -12.50 8.75 1.20
CA LYS A 118 -12.86 9.66 0.12
C LYS A 118 -14.12 10.45 0.48
N THR A 119 -14.16 11.69 0.03
CA THR A 119 -15.33 12.54 0.20
C THR A 119 -16.53 11.98 -0.56
N PRO A 120 -17.74 12.15 0.01
CA PRO A 120 -18.97 11.67 -0.61
C PRO A 120 -19.29 12.42 -1.89
N ALA A 121 -20.16 11.87 -2.71
CA ALA A 121 -20.57 12.50 -3.95
C ALA A 121 -21.98 13.08 -3.82
N GLU A 122 -22.49 13.04 -2.59
CA GLU A 122 -23.82 13.53 -2.30
C GLU A 122 -23.75 14.72 -1.36
N GLN A 123 -23.86 15.92 -1.92
CA GLN A 123 -23.86 17.15 -1.15
C GLN A 123 -24.56 18.25 -1.92
#